data_2JGV
#
_entry.id   2JGV
#
_cell.length_a   77.548
_cell.length_b   96.380
_cell.length_c   94.841
_cell.angle_alpha   90.00
_cell.angle_beta   94.29
_cell.angle_gamma   90.00
#
_symmetry.space_group_name_H-M   'P 1 21 1'
#
loop_
_entity.id
_entity.type
_entity.pdbx_description
1 polymer 'TAGATOSE-6-PHOSPHATE KINASE'
2 non-polymer "ADENOSINE-5'-DIPHOSPHATE"
3 water water
#
_entity_poly.entity_id   1
_entity_poly.type   'polypeptide(L)'
_entity_poly.pdbx_seq_one_letter_code
;(MSE)GSSHHHHHHSSGLVPRGSH(MSE)ILTLTLNPSVDISYPLTALKLDDVNRVQEVSKTAGGKGLNVTRVLAQVGEP
VLASGFIGGELGQFIAKKLDHADIKHAFYNIKGETRNCIAILHEGQQTEILEQGPEIDNQEAAGFIKHFEQLLEKVEAVA
ISGSLPKGLNQDYYAQIIERCQNKGVPVILDCSGATLQTVLENPYKPTVIKPNISELYQLLNQPLDESLESLKQAVSQPL
FEGIEWIIVSLGAQGAFAKHNHTFYRVNIPTISVLNPVGSGDSTVAGITSAILNHENDHDLLKKANTLG(MSE)LNAQEA
QTGYVNLNNYDDLFNQIEVLEV
;
_entity_poly.pdbx_strand_id   A,B,C,D
#
# COMPACT_ATOMS: atom_id res chain seq x y z
N PRO A 16 -31.19 0.43 -41.97
CA PRO A 16 -32.34 -0.43 -41.68
C PRO A 16 -33.37 0.21 -40.74
N ARG A 17 -34.63 -0.21 -40.90
CA ARG A 17 -35.73 0.24 -40.03
C ARG A 17 -36.28 -0.90 -39.16
N GLY A 18 -35.53 -1.99 -39.06
C GLY A 18 -36.21 -2.89 -36.77
N SER A 19 -36.20 -4.11 -36.26
CA SER A 19 -35.88 -4.30 -34.85
C SER A 19 -34.69 -5.22 -34.61
N HIS A 20 -33.91 -5.50 -35.65
CA HIS A 20 -32.75 -6.39 -35.53
C HIS A 20 -31.54 -5.71 -34.91
N ILE A 22 -29.42 -5.03 -30.78
CA ILE A 22 -29.28 -5.36 -29.36
C ILE A 22 -29.28 -4.06 -28.57
N LEU A 23 -29.97 -4.06 -27.43
CA LEU A 23 -29.88 -2.97 -26.47
C LEU A 23 -29.04 -3.40 -25.29
N THR A 24 -27.99 -2.64 -24.98
CA THR A 24 -27.24 -2.87 -23.74
C THR A 24 -27.67 -1.83 -22.71
N LEU A 25 -27.73 -2.25 -21.45
CA LEU A 25 -28.07 -1.34 -20.38
C LEU A 25 -26.91 -1.20 -19.42
N THR A 26 -26.51 0.06 -19.19
CA THR A 26 -25.52 0.41 -18.17
C THR A 26 -26.12 1.52 -17.31
N LEU A 27 -26.81 1.12 -16.25
CA LEU A 27 -27.47 2.10 -15.40
C LEU A 27 -26.50 2.90 -14.52
N ASN A 28 -25.32 2.36 -14.25
CA ASN A 28 -24.29 3.09 -13.49
C ASN A 28 -22.96 3.00 -14.21
N PRO A 29 -22.80 3.78 -15.28
CA PRO A 29 -21.54 3.81 -16.01
C PRO A 29 -20.53 4.61 -15.19
N SER A 30 -19.29 4.66 -15.66
CA SER A 30 -18.29 5.46 -14.99
C SER A 30 -17.27 5.99 -15.98
N VAL A 31 -16.62 7.08 -15.61
CA VAL A 31 -15.47 7.57 -16.34
C VAL A 31 -14.30 6.95 -15.63
N ASP A 32 -13.75 5.91 -16.22
CA ASP A 32 -12.68 5.13 -15.60
C ASP A 32 -11.33 5.75 -15.89
N ILE A 33 -10.57 6.06 -14.85
CA ILE A 33 -9.23 6.65 -15.01
C ILE A 33 -8.21 5.58 -14.65
N SER A 34 -7.32 5.28 -15.58
CA SER A 34 -6.32 4.26 -15.36
C SER A 34 -4.92 4.90 -15.26
N TYR A 35 -4.26 4.63 -14.14
CA TYR A 35 -2.90 5.17 -13.89
C TYR A 35 -1.87 4.06 -13.83
N PRO A 36 -1.13 3.85 -14.92
CA PRO A 36 -0.06 2.85 -14.86
C PRO A 36 1.17 3.51 -14.25
N LEU A 37 1.53 3.10 -13.04
CA LEU A 37 2.72 3.65 -12.40
C LEU A 37 3.85 2.62 -12.35
N THR A 38 5.09 3.12 -12.38
CA THR A 38 6.27 2.29 -12.10
C THR A 38 6.12 1.63 -10.72
N ALA A 39 5.79 2.45 -9.74
CA ALA A 39 5.47 2.00 -8.41
C ALA A 39 4.53 3.05 -7.85
N LEU A 40 3.72 2.67 -6.87
CA LEU A 40 2.91 3.62 -6.12
C LEU A 40 3.61 3.95 -4.82
N LYS A 41 4.07 5.19 -4.70
CA LYS A 41 4.73 5.63 -3.46
C LYS A 41 3.69 6.12 -2.47
N LEU A 42 3.51 5.38 -1.38
CA LEU A 42 2.51 5.75 -0.38
C LEU A 42 3.00 6.94 0.42
N ASP A 43 2.08 7.81 0.81
CA ASP A 43 2.40 8.99 1.59
C ASP A 43 3.42 9.88 0.86
N ASP A 44 3.25 9.98 -0.45
CA ASP A 44 4.11 10.81 -1.28
C ASP A 44 3.38 11.14 -2.57
N VAL A 45 3.99 12.03 -3.34
CA VAL A 45 3.47 12.49 -4.62
C VAL A 45 3.90 11.55 -5.74
N ASN A 46 2.94 11.13 -6.56
CA ASN A 46 3.24 10.26 -7.68
C ASN A 46 2.85 10.97 -8.97
N ARG A 47 3.81 11.12 -9.87
CA ARG A 47 3.55 11.79 -11.13
C ARG A 47 3.35 10.79 -12.25
N VAL A 48 2.31 10.99 -13.04
CA VAL A 48 1.96 10.10 -14.11
C VAL A 48 1.93 10.93 -15.38
N GLN A 49 2.45 10.36 -16.46
CA GLN A 49 2.43 11.02 -17.77
C GLN A 49 1.33 10.42 -18.63
N GLU A 50 1.24 9.09 -18.65
CA GLU A 50 0.31 8.42 -19.54
C GLU A 50 -0.93 7.91 -18.84
N VAL A 51 -1.84 8.84 -18.58
CA VAL A 51 -3.14 8.50 -18.01
C VAL A 51 -4.08 8.12 -19.15
N SER A 52 -4.94 7.15 -18.90
CA SER A 52 -5.97 6.73 -19.86
C SER A 52 -7.36 6.83 -19.21
N LYS A 53 -8.25 7.60 -19.84
CA LYS A 53 -9.62 7.86 -19.35
C LYS A 53 -10.63 7.32 -20.36
N THR A 54 -11.49 6.41 -19.89
CA THR A 54 -12.35 5.68 -20.82
C THR A 54 -13.81 5.73 -20.33
N ALA A 55 -14.75 5.47 -21.24
CA ALA A 55 -16.16 5.32 -20.87
C ALA A 55 -16.36 3.90 -20.33
N GLY A 56 -16.59 3.79 -19.03
CA GLY A 56 -16.59 2.49 -18.36
C GLY A 56 -17.92 2.01 -17.83
N GLY A 57 -17.90 0.79 -17.31
CA GLY A 57 -19.10 0.10 -16.91
C GLY A 57 -19.12 -1.21 -17.69
N LYS A 58 -19.61 -2.26 -17.04
CA LYS A 58 -19.70 -3.58 -17.66
C LYS A 58 -20.49 -3.56 -18.94
N GLY A 59 -21.62 -2.84 -18.95
CA GLY A 59 -22.48 -2.76 -20.12
C GLY A 59 -21.81 -2.11 -21.31
N LEU A 60 -20.90 -1.17 -21.05
CA LEU A 60 -20.15 -0.53 -22.14
C LEU A 60 -19.04 -1.44 -22.70
N ASN A 61 -18.41 -2.26 -21.85
CA ASN A 61 -17.53 -3.34 -22.33
C ASN A 61 -18.29 -4.29 -23.24
N VAL A 62 -19.48 -4.69 -22.82
CA VAL A 62 -20.34 -5.52 -23.66
C VAL A 62 -20.59 -4.83 -25.01
N THR A 63 -21.02 -3.57 -24.96
CA THR A 63 -21.31 -2.80 -26.15
C THR A 63 -20.13 -2.81 -27.12
N ARG A 64 -18.94 -2.51 -26.60
CA ARG A 64 -17.70 -2.47 -27.39
C ARG A 64 -17.36 -3.79 -28.08
N VAL A 65 -17.47 -4.90 -27.36
CA VAL A 65 -17.25 -6.22 -27.96
C VAL A 65 -18.24 -6.54 -29.08
N LEU A 66 -19.53 -6.24 -28.84
CA LEU A 66 -20.58 -6.39 -29.87
C LEU A 66 -20.24 -5.59 -31.11
N ALA A 67 -19.79 -4.36 -30.90
CA ALA A 67 -19.37 -3.50 -32.01
C ALA A 67 -18.21 -4.11 -32.81
N GLN A 68 -17.24 -4.73 -32.13
CA GLN A 68 -16.13 -5.45 -32.80
C GLN A 68 -16.57 -6.64 -33.64
N VAL A 69 -17.43 -7.48 -33.07
CA VAL A 69 -17.97 -8.63 -33.78
C VAL A 69 -18.94 -8.20 -34.87
N GLY A 70 -19.38 -6.94 -34.81
CA GLY A 70 -20.16 -6.34 -35.89
C GLY A 70 -21.67 -6.50 -35.76
N GLU A 71 -22.16 -6.71 -34.53
CA GLU A 71 -23.60 -6.80 -34.29
C GLU A 71 -24.19 -5.39 -34.16
N PRO A 72 -25.41 -5.21 -34.65
CA PRO A 72 -26.07 -3.92 -34.48
C PRO A 72 -26.42 -3.73 -33.01
N VAL A 73 -26.03 -2.60 -32.43
CA VAL A 73 -26.10 -2.43 -30.98
C VAL A 73 -26.39 -0.97 -30.66
N LEU A 74 -27.19 -0.75 -29.62
CA LEU A 74 -27.48 0.58 -29.11
C LEU A 74 -27.24 0.54 -27.60
N ALA A 75 -26.55 1.54 -27.07
CA ALA A 75 -26.28 1.62 -25.63
C ALA A 75 -27.22 2.59 -24.94
N SER A 76 -27.77 2.16 -23.80
CA SER A 76 -28.56 3.05 -22.96
C SER A 76 -28.22 2.87 -21.47
N GLY A 77 -28.92 3.63 -20.62
CA GLY A 77 -28.59 3.76 -19.21
C GLY A 77 -28.82 5.19 -18.75
N PHE A 78 -28.14 5.59 -17.66
CA PHE A 78 -28.26 6.95 -17.11
C PHE A 78 -26.89 7.65 -17.23
N ILE A 79 -26.88 8.91 -17.67
CA ILE A 79 -25.67 9.75 -17.62
C ILE A 79 -26.01 11.15 -17.16
N GLY A 80 -25.04 11.84 -16.57
CA GLY A 80 -25.27 13.21 -16.14
C GLY A 80 -24.01 14.04 -15.96
N GLY A 81 -24.17 15.35 -16.09
CA GLY A 81 -23.04 16.26 -15.86
C GLY A 81 -21.97 16.17 -16.93
N GLU A 82 -20.87 16.88 -16.68
CA GLU A 82 -19.72 16.92 -17.57
C GLU A 82 -19.13 15.54 -17.84
N LEU A 83 -19.16 14.68 -16.82
CA LEU A 83 -18.64 13.31 -16.95
C LEU A 83 -19.54 12.48 -17.84
N GLY A 84 -20.84 12.75 -17.79
CA GLY A 84 -21.79 12.09 -18.69
C GLY A 84 -21.53 12.50 -20.13
N GLN A 85 -21.18 13.76 -20.34
CA GLN A 85 -20.80 14.25 -21.66
C GLN A 85 -19.52 13.60 -22.18
N PHE A 86 -18.54 13.39 -21.30
CA PHE A 86 -17.32 12.65 -21.64
C PHE A 86 -17.61 11.25 -22.20
N ILE A 87 -18.47 10.51 -21.51
CA ILE A 87 -18.94 9.18 -21.97
C ILE A 87 -19.55 9.23 -23.39
N ALA A 88 -20.46 10.16 -23.62
CA ALA A 88 -21.10 10.28 -24.94
C ALA A 88 -20.07 10.61 -26.02
N LYS A 89 -19.14 11.51 -25.68
CA LYS A 89 -18.05 11.87 -26.58
C LYS A 89 -17.20 10.63 -26.91
N LYS A 90 -16.85 9.84 -25.90
CA LYS A 90 -16.07 8.65 -26.15
C LYS A 90 -16.79 7.68 -27.08
N LEU A 91 -18.10 7.51 -26.88
CA LEU A 91 -18.87 6.60 -27.73
C LEU A 91 -19.06 7.16 -29.14
N ASP A 92 -19.27 8.46 -29.24
CA ASP A 92 -19.28 9.11 -30.55
C ASP A 92 -17.99 8.87 -31.34
N HIS A 93 -16.84 9.05 -30.68
CA HIS A 93 -15.55 8.82 -31.32
C HIS A 93 -15.41 7.39 -31.81
N ALA A 94 -15.97 6.44 -31.04
CA ALA A 94 -15.94 5.05 -31.41
C ALA A 94 -17.07 4.66 -32.39
N ASP A 95 -17.92 5.62 -32.75
CA ASP A 95 -19.07 5.33 -33.63
C ASP A 95 -20.01 4.26 -33.04
N ILE A 96 -20.25 4.37 -31.73
CA ILE A 96 -21.21 3.51 -31.03
C ILE A 96 -22.45 4.33 -30.77
N LYS A 97 -23.60 3.85 -31.25
CA LYS A 97 -24.87 4.56 -31.05
C LYS A 97 -25.32 4.46 -29.60
N HIS A 98 -25.90 5.52 -29.08
CA HIS A 98 -26.35 5.57 -27.69
C HIS A 98 -27.61 6.40 -27.57
N ALA A 99 -28.46 6.02 -26.61
CA ALA A 99 -29.63 6.80 -26.24
C ALA A 99 -29.80 6.74 -24.74
N PHE A 100 -28.89 7.37 -24.00
CA PHE A 100 -28.97 7.42 -22.53
C PHE A 100 -30.08 8.36 -22.07
N TYR A 101 -30.66 8.07 -20.91
CA TYR A 101 -31.52 9.04 -20.22
C TYR A 101 -30.61 9.99 -19.41
N ASN A 102 -30.77 11.30 -19.63
CA ASN A 102 -29.94 12.30 -18.93
C ASN A 102 -30.49 12.62 -17.54
N ILE A 103 -29.63 12.57 -16.53
CA ILE A 103 -30.03 12.89 -15.15
C ILE A 103 -29.36 14.20 -14.72
N LYS A 104 -29.80 14.77 -13.60
CA LYS A 104 -29.21 16.01 -13.12
C LYS A 104 -27.91 15.71 -12.36
N GLY A 105 -27.88 14.57 -11.67
CA GLY A 105 -26.71 14.12 -10.93
C GLY A 105 -25.52 13.93 -11.85
N GLU A 106 -24.35 13.69 -11.27
CA GLU A 106 -23.17 13.58 -12.10
C GLU A 106 -22.70 12.14 -12.19
N THR A 107 -22.38 11.70 -13.40
CA THR A 107 -21.74 10.39 -13.60
C THR A 107 -20.47 10.26 -12.75
N ARG A 108 -20.24 9.08 -12.17
CA ARG A 108 -19.12 8.88 -11.25
C ARG A 108 -17.79 8.72 -12.00
N ASN A 109 -16.68 8.83 -11.27
CA ASN A 109 -15.39 8.26 -11.71
C ASN A 109 -15.13 6.91 -11.05
N CYS A 110 -14.35 6.07 -11.73
CA CYS A 110 -13.70 4.96 -11.06
C CYS A 110 -12.20 5.02 -11.39
N ILE A 111 -11.35 4.64 -10.43
CA ILE A 111 -9.88 4.73 -10.58
C ILE A 111 -9.26 3.33 -10.56
N ALA A 112 -8.32 3.09 -11.47
CA ALA A 112 -7.53 1.90 -11.45
C ALA A 112 -6.06 2.30 -11.40
N ILE A 113 -5.37 1.95 -10.33
CA ILE A 113 -3.92 2.19 -10.26
C ILE A 113 -3.21 0.88 -10.57
N LEU A 114 -2.43 0.88 -11.66
CA LEU A 114 -1.68 -0.30 -12.05
C LEU A 114 -0.24 -0.11 -11.65
N HIS A 115 0.21 -0.88 -10.66
CA HIS A 115 1.56 -0.72 -10.12
C HIS A 115 2.13 -2.07 -9.62
N GLU A 116 3.35 -2.41 -10.05
CA GLU A 116 4.07 -3.57 -9.53
C GLU A 116 3.21 -4.84 -9.51
N GLY A 117 2.50 -5.06 -10.62
CA GLY A 117 1.66 -6.24 -10.82
C GLY A 117 0.29 -6.14 -10.18
N GLN A 118 0.06 -5.06 -9.44
CA GLN A 118 -1.17 -4.87 -8.68
C GLN A 118 -2.18 -4.01 -9.45
N GLN A 119 -3.46 -4.24 -9.19
CA GLN A 119 -4.52 -3.39 -9.69
C GLN A 119 -5.28 -2.90 -8.49
N THR A 120 -5.00 -1.67 -8.06
CA THR A 120 -5.67 -1.05 -6.93
C THR A 120 -6.80 -0.14 -7.42
N GLU A 121 -8.03 -0.47 -7.05
CA GLU A 121 -9.21 0.24 -7.56
C GLU A 121 -9.91 1.05 -6.51
N ILE A 122 -10.40 2.22 -6.91
CA ILE A 122 -11.28 3.02 -6.08
C ILE A 122 -12.59 3.22 -6.83
N LEU A 123 -13.67 2.72 -6.23
CA LEU A 123 -14.98 2.71 -6.88
C LEU A 123 -15.91 3.66 -6.16
N GLU A 124 -16.43 4.66 -6.89
CA GLU A 124 -17.36 5.62 -6.30
C GLU A 124 -18.79 5.06 -6.35
N GLN A 125 -19.58 5.38 -5.33
CA GLN A 125 -21.00 4.98 -5.33
C GLN A 125 -21.78 5.64 -6.48
N GLY A 126 -21.54 6.92 -6.71
CA GLY A 126 -22.12 7.60 -7.86
C GLY A 126 -23.41 8.34 -7.53
N PRO A 127 -24.12 8.80 -8.57
CA PRO A 127 -25.23 9.73 -8.33
C PRO A 127 -26.47 9.04 -7.79
N GLU A 128 -27.34 9.82 -7.17
CA GLU A 128 -28.65 9.31 -6.81
C GLU A 128 -29.65 9.63 -7.93
N ILE A 129 -30.45 8.63 -8.30
CA ILE A 129 -31.46 8.82 -9.32
C ILE A 129 -32.78 9.23 -8.64
N ASP A 130 -33.34 10.37 -9.00
CA ASP A 130 -34.59 10.77 -8.36
C ASP A 130 -35.81 10.08 -9.00
N ASN A 131 -36.97 10.27 -8.40
CA ASN A 131 -38.19 9.55 -8.80
C ASN A 131 -38.63 9.87 -10.23
N GLN A 132 -38.48 11.12 -10.62
CA GLN A 132 -38.84 11.53 -11.97
C GLN A 132 -37.96 10.86 -13.02
N GLU A 133 -36.65 10.83 -12.75
CA GLU A 133 -35.68 10.23 -13.65
C GLU A 133 -35.91 8.72 -13.79
N ALA A 134 -36.21 8.08 -12.65
CA ALA A 134 -36.48 6.65 -12.58
C ALA A 134 -37.70 6.29 -13.43
N ALA A 135 -38.74 7.12 -13.33
CA ALA A 135 -39.96 6.94 -14.12
C ALA A 135 -39.73 7.33 -15.57
N GLY A 136 -38.99 8.41 -15.77
CA GLY A 136 -38.62 8.83 -17.12
C GLY A 136 -37.86 7.74 -17.87
N PHE A 137 -36.87 7.11 -17.24
CA PHE A 137 -36.08 6.11 -17.98
C PHE A 137 -36.96 4.94 -18.41
N ILE A 138 -37.86 4.53 -17.51
CA ILE A 138 -38.78 3.44 -17.82
C ILE A 138 -39.62 3.71 -19.09
N LYS A 139 -40.14 4.93 -19.23
CA LYS A 139 -40.89 5.31 -20.43
C LYS A 139 -39.99 5.30 -21.66
N HIS A 140 -38.77 5.83 -21.48
CA HIS A 140 -37.77 5.84 -22.53
C HIS A 140 -37.46 4.42 -22.99
N PHE A 141 -37.26 3.52 -22.01
CA PHE A 141 -36.93 2.12 -22.28
C PHE A 141 -38.04 1.40 -23.07
N GLU A 142 -39.29 1.70 -22.72
CA GLU A 142 -40.44 1.11 -23.41
C GLU A 142 -40.43 1.47 -24.89
N GLN A 143 -40.04 2.71 -25.20
CA GLN A 143 -39.89 3.14 -26.59
C GLN A 143 -38.73 2.45 -27.32
N LEU A 144 -37.58 2.32 -26.66
CA LEU A 144 -36.42 1.62 -27.26
C LEU A 144 -36.75 0.16 -27.57
N LEU A 145 -37.56 -0.46 -26.71
CA LEU A 145 -37.95 -1.84 -26.89
C LEU A 145 -38.55 -2.12 -28.26
N GLU A 146 -39.20 -1.12 -28.85
CA GLU A 146 -39.81 -1.28 -30.16
C GLU A 146 -38.82 -1.53 -31.31
N LYS A 147 -37.54 -1.24 -31.10
CA LYS A 147 -36.57 -1.41 -32.17
C LYS A 147 -35.39 -2.33 -31.85
N VAL A 148 -35.60 -3.24 -30.90
CA VAL A 148 -34.60 -4.25 -30.52
C VAL A 148 -35.20 -5.65 -30.35
N GLU A 149 -34.32 -6.64 -30.39
CA GLU A 149 -34.72 -8.04 -30.28
C GLU A 149 -34.00 -8.77 -29.15
N ALA A 150 -33.04 -8.10 -28.49
CA ALA A 150 -32.37 -8.64 -27.30
C ALA A 150 -31.89 -7.51 -26.41
N VAL A 151 -31.96 -7.71 -25.10
CA VAL A 151 -31.46 -6.73 -24.11
C VAL A 151 -30.40 -7.42 -23.24
N ALA A 152 -29.20 -6.81 -23.19
CA ALA A 152 -28.18 -7.25 -22.23
C ALA A 152 -28.08 -6.24 -21.09
N ILE A 153 -28.32 -6.73 -19.87
CA ILE A 153 -28.31 -5.90 -18.67
C ILE A 153 -27.12 -6.30 -17.82
N SER A 154 -26.25 -5.34 -17.53
CA SER A 154 -25.03 -5.57 -16.78
C SER A 154 -24.90 -4.61 -15.61
N GLY A 155 -24.45 -5.11 -14.47
CA GLY A 155 -24.04 -4.24 -13.38
C GLY A 155 -25.12 -4.00 -12.35
N SER A 156 -24.74 -3.30 -11.29
CA SER A 156 -25.62 -3.07 -10.16
C SER A 156 -26.47 -1.82 -10.41
N LEU A 157 -27.52 -1.65 -9.61
CA LEU A 157 -28.36 -0.47 -9.72
C LEU A 157 -27.69 0.74 -9.04
N PRO A 158 -27.78 1.92 -9.66
CA PRO A 158 -27.34 3.14 -8.99
C PRO A 158 -28.19 3.45 -7.77
N LYS A 159 -27.65 4.30 -6.91
CA LYS A 159 -28.31 4.80 -5.72
C LYS A 159 -29.62 5.53 -6.05
N GLY A 160 -30.64 5.34 -5.22
CA GLY A 160 -31.91 6.03 -5.40
C GLY A 160 -32.99 5.20 -6.07
N LEU A 161 -32.61 4.15 -6.80
CA LEU A 161 -33.57 3.29 -7.52
C LEU A 161 -34.23 2.28 -6.60
N ASN A 162 -35.53 2.06 -6.77
CA ASN A 162 -36.18 0.97 -6.05
C ASN A 162 -35.43 -0.34 -6.34
N GLN A 163 -35.32 -1.20 -5.34
CA GLN A 163 -34.66 -2.48 -5.52
C GLN A 163 -35.31 -3.33 -6.63
N ASP A 164 -36.56 -3.03 -6.95
CA ASP A 164 -37.31 -3.79 -7.94
C ASP A 164 -37.05 -3.35 -9.37
N TYR A 165 -36.12 -2.42 -9.56
CA TYR A 165 -35.97 -1.78 -10.87
C TYR A 165 -35.65 -2.73 -12.04
N TYR A 166 -34.73 -3.67 -11.83
CA TYR A 166 -34.44 -4.63 -12.88
C TYR A 166 -35.66 -5.52 -13.17
N ALA A 167 -36.41 -5.88 -12.14
CA ALA A 167 -37.61 -6.69 -12.34
C ALA A 167 -38.64 -5.92 -13.17
N GLN A 168 -38.77 -4.62 -12.90
CA GLN A 168 -39.61 -3.75 -13.72
C GLN A 168 -39.17 -3.76 -15.20
N ILE A 169 -37.87 -3.67 -15.43
CA ILE A 169 -37.33 -3.66 -16.79
C ILE A 169 -37.58 -5.01 -17.48
N ILE A 170 -37.31 -6.09 -16.78
CA ILE A 170 -37.49 -7.41 -17.32
C ILE A 170 -38.99 -7.73 -17.60
N GLU A 171 -39.88 -7.24 -16.74
CA GLU A 171 -41.32 -7.30 -17.02
C GLU A 171 -41.66 -6.65 -18.37
N ARG A 172 -41.13 -5.45 -18.65
CA ARG A 172 -41.36 -4.76 -19.93
C ARG A 172 -40.87 -5.57 -21.14
N CYS A 173 -39.71 -6.21 -20.99
CA CYS A 173 -39.14 -7.05 -22.04
C CYS A 173 -40.00 -8.29 -22.29
N GLN A 174 -40.41 -8.94 -21.20
CA GLN A 174 -41.32 -10.09 -21.24
C GLN A 174 -42.60 -9.75 -22.01
N ASN A 175 -43.22 -8.61 -21.66
CA ASN A 175 -44.43 -8.15 -22.34
C ASN A 175 -44.22 -8.04 -23.85
N LYS A 176 -43.00 -7.75 -24.30
CA LYS A 176 -42.75 -7.64 -25.74
C LYS A 176 -42.09 -8.88 -26.36
N GLY A 177 -41.90 -9.93 -25.58
CA GLY A 177 -41.15 -11.09 -26.07
C GLY A 177 -39.69 -10.80 -26.44
N VAL A 178 -39.07 -9.83 -25.75
CA VAL A 178 -37.63 -9.57 -25.94
C VAL A 178 -36.79 -10.30 -24.89
N PRO A 179 -35.93 -11.23 -25.34
CA PRO A 179 -35.11 -11.94 -24.37
C PRO A 179 -34.12 -11.03 -23.66
N VAL A 180 -33.90 -11.31 -22.37
CA VAL A 180 -32.98 -10.58 -21.50
C VAL A 180 -31.78 -11.45 -21.11
N ILE A 181 -30.58 -10.94 -21.35
CA ILE A 181 -29.34 -11.58 -20.88
C ILE A 181 -28.89 -10.76 -19.65
N LEU A 182 -28.88 -11.39 -18.48
CA LEU A 182 -28.64 -10.67 -17.21
C LEU A 182 -27.32 -11.03 -16.56
N ASP A 183 -26.47 -10.01 -16.36
CA ASP A 183 -25.17 -10.21 -15.74
C ASP A 183 -25.00 -9.26 -14.56
N CYS A 184 -25.58 -9.66 -13.44
CA CYS A 184 -25.35 -8.96 -12.18
C CYS A 184 -25.15 -10.03 -11.12
N SER A 185 -24.90 -9.63 -9.89
CA SER A 185 -24.50 -10.59 -8.89
C SER A 185 -25.10 -10.30 -7.53
N GLY A 186 -24.89 -11.21 -6.58
CA GLY A 186 -25.33 -11.01 -5.21
C GLY A 186 -26.80 -10.71 -5.05
N ALA A 187 -27.10 -9.74 -4.19
CA ALA A 187 -28.49 -9.38 -3.87
C ALA A 187 -29.23 -8.75 -5.05
N THR A 188 -28.51 -8.07 -5.93
CA THR A 188 -29.10 -7.56 -7.18
C THR A 188 -29.65 -8.74 -7.98
N LEU A 189 -28.82 -9.75 -8.21
CA LEU A 189 -29.29 -10.98 -8.87
C LEU A 189 -30.43 -11.66 -8.10
N GLN A 190 -30.25 -11.87 -6.79
CA GLN A 190 -31.25 -12.63 -6.03
C GLN A 190 -32.65 -11.99 -6.06
N THR A 191 -32.70 -10.66 -6.10
CA THR A 191 -33.97 -9.94 -6.19
C THR A 191 -34.72 -10.28 -7.49
N VAL A 192 -33.99 -10.29 -8.60
CA VAL A 192 -34.56 -10.73 -9.88
C VAL A 192 -35.04 -12.19 -9.80
N LEU A 193 -34.21 -13.07 -9.27
CA LEU A 193 -34.52 -14.50 -9.11
C LEU A 193 -35.77 -14.78 -8.29
N GLU A 194 -36.08 -13.89 -7.35
CA GLU A 194 -37.25 -14.03 -6.48
C GLU A 194 -38.50 -13.42 -7.11
N ASN A 195 -38.34 -12.71 -8.23
CA ASN A 195 -39.49 -12.13 -8.92
C ASN A 195 -40.01 -13.06 -10.03
N PRO A 196 -41.27 -12.86 -10.45
CA PRO A 196 -41.87 -13.75 -11.46
C PRO A 196 -41.42 -13.48 -12.91
N TYR A 197 -40.97 -12.27 -13.23
CA TYR A 197 -40.49 -11.97 -14.58
C TYR A 197 -39.00 -12.33 -14.76
N LYS A 198 -38.75 -13.43 -15.47
CA LYS A 198 -37.43 -14.02 -15.52
C LYS A 198 -36.58 -13.55 -16.71
N PRO A 199 -35.26 -13.44 -16.48
CA PRO A 199 -34.30 -13.24 -17.56
C PRO A 199 -34.25 -14.54 -18.37
N THR A 200 -33.77 -14.46 -19.60
CA THR A 200 -33.63 -15.62 -20.47
C THR A 200 -32.30 -16.33 -20.16
N VAL A 201 -31.30 -15.54 -19.76
CA VAL A 201 -29.94 -16.05 -19.50
C VAL A 201 -29.40 -15.42 -18.23
N ILE A 202 -28.88 -16.27 -17.33
CA ILE A 202 -28.02 -15.81 -16.23
C ILE A 202 -26.69 -16.55 -16.33
N LYS A 203 -25.65 -15.99 -15.74
CA LYS A 203 -24.33 -16.57 -15.85
C LYS A 203 -23.51 -16.41 -14.56
N PRO A 204 -24.03 -16.88 -13.42
CA PRO A 204 -23.18 -16.82 -12.23
C PRO A 204 -22.03 -17.81 -12.38
N ASN A 205 -20.82 -17.44 -11.97
CA ASN A 205 -19.71 -18.41 -11.99
C ASN A 205 -19.90 -19.41 -10.85
N ILE A 206 -19.06 -20.43 -10.80
CA ILE A 206 -19.31 -21.55 -9.91
C ILE A 206 -19.34 -21.13 -8.43
N SER A 207 -18.44 -20.22 -8.04
CA SER A 207 -18.47 -19.74 -6.65
C SER A 207 -19.73 -18.95 -6.33
N GLU A 208 -20.13 -18.05 -7.23
CA GLU A 208 -21.39 -17.30 -7.06
C GLU A 208 -22.61 -18.22 -7.00
N LEU A 209 -22.62 -19.25 -7.86
CA LEU A 209 -23.73 -20.19 -7.93
C LEU A 209 -24.05 -20.79 -6.56
N TYR A 210 -23.03 -21.29 -5.87
CA TYR A 210 -23.24 -21.89 -4.55
C TYR A 210 -23.44 -20.88 -3.40
N GLN A 211 -22.81 -19.71 -3.48
CA GLN A 211 -23.10 -18.66 -2.50
C GLN A 211 -24.57 -18.27 -2.57
N LEU A 212 -25.09 -18.12 -3.78
CA LEU A 212 -26.50 -17.81 -3.98
C LEU A 212 -27.38 -18.83 -3.29
N LEU A 213 -26.95 -20.09 -3.29
CA LEU A 213 -27.72 -21.19 -2.71
C LEU A 213 -27.42 -21.41 -1.22
N ASN A 214 -26.35 -20.79 -0.74
CA ASN A 214 -25.89 -20.97 0.64
C ASN A 214 -25.37 -22.40 0.85
N GLN A 215 -24.58 -22.85 -0.11
CA GLN A 215 -23.98 -24.18 -0.10
C GLN A 215 -22.48 -24.03 -0.29
N PRO A 216 -21.71 -25.06 0.09
CA PRO A 216 -20.28 -25.12 -0.23
C PRO A 216 -20.02 -25.35 -1.71
N LEU A 217 -18.82 -25.00 -2.18
CA LEU A 217 -18.45 -25.16 -3.58
C LEU A 217 -18.15 -26.62 -3.95
N ASP A 218 -19.17 -27.33 -4.41
CA ASP A 218 -19.01 -28.72 -4.85
C ASP A 218 -18.91 -28.76 -6.37
N GLU A 219 -17.72 -29.09 -6.87
CA GLU A 219 -17.47 -29.09 -8.32
C GLU A 219 -17.74 -30.44 -8.99
N SER A 220 -18.58 -31.27 -8.38
CA SER A 220 -18.95 -32.53 -9.00
C SER A 220 -20.14 -32.33 -9.93
N LEU A 221 -20.17 -33.09 -11.01
CA LEU A 221 -21.24 -33.02 -12.01
C LEU A 221 -22.62 -33.17 -11.40
N GLU A 222 -22.79 -34.14 -10.51
CA GLU A 222 -24.10 -34.35 -9.89
C GLU A 222 -24.50 -33.14 -9.05
N SER A 223 -23.52 -32.48 -8.43
CA SER A 223 -23.84 -31.35 -7.58
C SER A 223 -24.21 -30.15 -8.45
N LEU A 224 -23.38 -29.89 -9.45
CA LEU A 224 -23.69 -28.86 -10.45
C LEU A 224 -25.10 -29.03 -11.00
N LYS A 225 -25.43 -30.24 -11.44
CA LYS A 225 -26.75 -30.51 -12.00
C LYS A 225 -27.86 -30.14 -11.03
N GLN A 226 -27.69 -30.54 -9.77
CA GLN A 226 -28.65 -30.28 -8.70
C GLN A 226 -28.76 -28.79 -8.35
N ALA A 227 -27.61 -28.12 -8.30
CA ALA A 227 -27.54 -26.73 -7.88
C ALA A 227 -28.27 -25.86 -8.90
N VAL A 228 -28.01 -26.14 -10.17
CA VAL A 228 -28.59 -25.43 -11.30
C VAL A 228 -30.12 -25.68 -11.42
N SER A 229 -30.59 -26.80 -10.86
CA SER A 229 -32.03 -27.16 -10.92
C SER A 229 -32.80 -26.83 -9.65
N GLN A 230 -32.21 -26.05 -8.76
CA GLN A 230 -32.92 -25.62 -7.55
C GLN A 230 -33.98 -24.60 -7.91
N PRO A 231 -35.09 -24.55 -7.15
CA PRO A 231 -36.21 -23.63 -7.41
C PRO A 231 -35.82 -22.15 -7.48
N LEU A 232 -34.66 -21.79 -6.92
CA LEU A 232 -34.21 -20.40 -7.01
C LEU A 232 -34.00 -20.03 -8.48
N PHE A 233 -33.61 -21.00 -9.29
CA PHE A 233 -33.32 -20.75 -10.70
C PHE A 233 -34.43 -21.20 -11.63
N GLU A 234 -35.63 -21.41 -11.10
CA GLU A 234 -36.77 -21.86 -11.92
C GLU A 234 -37.17 -20.82 -12.99
N GLY A 235 -37.56 -21.30 -14.16
CA GLY A 235 -38.10 -20.43 -15.20
C GLY A 235 -37.08 -19.69 -16.04
N ILE A 236 -35.81 -19.96 -15.81
CA ILE A 236 -34.74 -19.34 -16.56
C ILE A 236 -34.18 -20.32 -17.58
N GLU A 237 -34.30 -19.95 -18.85
CA GLU A 237 -33.97 -20.82 -19.97
C GLU A 237 -32.52 -21.30 -20.04
N TRP A 238 -31.58 -20.39 -19.81
CA TRP A 238 -30.14 -20.68 -19.89
C TRP A 238 -29.48 -20.24 -18.60
N ILE A 239 -28.73 -21.16 -18.01
CA ILE A 239 -27.87 -20.86 -16.89
C ILE A 239 -26.48 -21.29 -17.30
N ILE A 240 -25.60 -20.32 -17.52
CA ILE A 240 -24.25 -20.59 -17.99
C ILE A 240 -23.22 -20.25 -16.89
N VAL A 241 -22.67 -21.32 -16.31
CA VAL A 241 -21.79 -21.25 -15.15
C VAL A 241 -20.33 -21.36 -15.57
N SER A 242 -19.59 -20.26 -15.47
CA SER A 242 -18.16 -20.28 -15.75
C SER A 242 -17.38 -21.07 -14.70
N LEU A 243 -16.50 -21.93 -15.20
CA LEU A 243 -15.56 -22.68 -14.36
C LEU A 243 -14.14 -22.21 -14.65
N GLY A 244 -13.97 -20.91 -14.90
CA GLY A 244 -12.66 -20.33 -15.14
C GLY A 244 -11.90 -20.90 -16.32
N ALA A 245 -10.80 -21.60 -16.03
CA ALA A 245 -9.92 -22.14 -17.07
C ALA A 245 -10.40 -23.48 -17.61
N GLN A 246 -11.22 -24.17 -16.82
CA GLN A 246 -11.77 -25.46 -17.21
C GLN A 246 -12.94 -25.35 -18.19
N GLY A 247 -13.40 -24.12 -18.45
CA GLY A 247 -14.47 -23.87 -19.40
C GLY A 247 -15.77 -23.50 -18.74
N ALA A 248 -16.84 -24.20 -19.06
CA ALA A 248 -18.15 -23.88 -18.49
C ALA A 248 -19.04 -25.12 -18.34
N PHE A 249 -20.05 -24.99 -17.49
CA PHE A 249 -21.11 -25.96 -17.34
C PHE A 249 -22.44 -25.20 -17.52
N ALA A 250 -23.35 -25.76 -18.30
CA ALA A 250 -24.58 -25.04 -18.60
C ALA A 250 -25.81 -25.91 -18.59
N LYS A 251 -26.95 -25.30 -18.25
CA LYS A 251 -28.25 -25.91 -18.44
C LYS A 251 -29.08 -25.09 -19.42
N HIS A 252 -29.53 -25.75 -20.48
CA HIS A 252 -30.57 -25.18 -21.33
C HIS A 252 -31.89 -25.96 -21.17
N ASN A 253 -32.90 -25.29 -20.65
CA ASN A 253 -34.15 -25.95 -20.28
C ASN A 253 -33.85 -27.13 -19.34
N HIS A 254 -33.85 -28.36 -19.85
CA HIS A 254 -33.57 -29.54 -19.03
C HIS A 254 -32.31 -30.29 -19.46
N THR A 255 -31.59 -29.76 -20.44
CA THR A 255 -30.41 -30.37 -20.98
C THR A 255 -29.17 -29.77 -20.32
N PHE A 256 -28.16 -30.60 -20.04
CA PHE A 256 -26.92 -30.11 -19.42
C PHE A 256 -25.77 -30.25 -20.39
N TYR A 257 -24.92 -29.22 -20.45
CA TYR A 257 -23.73 -29.22 -21.29
C TYR A 257 -22.49 -29.00 -20.47
N ARG A 258 -21.43 -29.72 -20.82
CA ARG A 258 -20.09 -29.39 -20.37
C ARG A 258 -19.33 -28.79 -21.54
N VAL A 259 -18.68 -27.65 -21.32
CA VAL A 259 -17.91 -26.98 -22.36
C VAL A 259 -16.43 -27.03 -21.99
N ASN A 260 -15.68 -27.84 -22.73
CA ASN A 260 -14.26 -28.01 -22.46
C ASN A 260 -13.45 -27.12 -23.38
N ILE A 261 -12.40 -26.52 -22.84
CA ILE A 261 -11.70 -25.43 -23.49
C ILE A 261 -10.19 -25.67 -23.46
N PRO A 262 -9.48 -25.31 -24.56
CA PRO A 262 -8.02 -25.39 -24.62
C PRO A 262 -7.32 -24.58 -23.53
N THR A 263 -6.10 -25.00 -23.18
CA THR A 263 -5.25 -24.21 -22.29
C THR A 263 -4.54 -23.15 -23.14
N ILE A 264 -4.72 -21.89 -22.77
CA ILE A 264 -4.10 -20.78 -23.49
C ILE A 264 -3.36 -19.82 -22.54
N SER A 265 -2.50 -18.96 -23.11
CA SER A 265 -1.68 -18.06 -22.29
C SER A 265 -2.41 -16.75 -21.98
N VAL A 266 -2.64 -16.51 -20.69
CA VAL A 266 -3.46 -15.39 -20.23
C VAL A 266 -2.62 -14.12 -20.03
N LEU A 267 -3.03 -13.02 -20.66
CA LEU A 267 -2.49 -11.71 -20.36
C LEU A 267 -3.36 -11.08 -19.28
N ASN A 268 -4.54 -10.61 -19.67
CA ASN A 268 -5.50 -9.98 -18.76
C ASN A 268 -6.92 -10.51 -18.93
N PRO A 269 -7.41 -11.28 -17.93
CA PRO A 269 -8.74 -11.91 -17.95
C PRO A 269 -9.89 -10.99 -17.50
N VAL A 270 -9.56 -9.80 -16.99
CA VAL A 270 -10.57 -8.83 -16.63
C VAL A 270 -11.37 -8.39 -17.87
N GLY A 271 -12.70 -8.45 -17.76
CA GLY A 271 -13.58 -8.08 -18.85
C GLY A 271 -14.07 -9.30 -19.62
N SER A 272 -13.54 -10.47 -19.28
CA SER A 272 -13.88 -11.74 -19.95
C SER A 272 -15.34 -12.14 -19.71
N GLY A 273 -15.87 -11.81 -18.53
CA GLY A 273 -17.31 -11.96 -18.28
C GLY A 273 -18.14 -11.16 -19.27
N ASP A 274 -17.76 -9.89 -19.46
CA ASP A 274 -18.43 -8.98 -20.39
C ASP A 274 -18.34 -9.48 -21.83
N SER A 275 -17.18 -10.01 -22.21
CA SER A 275 -17.03 -10.58 -23.54
C SER A 275 -17.91 -11.79 -23.77
N THR A 276 -18.08 -12.65 -22.77
CA THR A 276 -18.93 -13.82 -22.98
C THR A 276 -20.40 -13.39 -23.07
N VAL A 277 -20.77 -12.34 -22.35
CA VAL A 277 -22.11 -11.75 -22.46
C VAL A 277 -22.35 -11.25 -23.89
N ALA A 278 -21.39 -10.53 -24.45
CA ALA A 278 -21.49 -10.12 -25.85
C ALA A 278 -21.71 -11.34 -26.73
N GLY A 279 -20.96 -12.41 -26.47
CA GLY A 279 -21.08 -13.65 -27.25
C GLY A 279 -22.45 -14.29 -27.14
N ILE A 280 -22.96 -14.39 -25.92
CA ILE A 280 -24.27 -14.94 -25.65
C ILE A 280 -25.39 -14.14 -26.34
N THR A 281 -25.31 -12.82 -26.22
CA THR A 281 -26.31 -11.91 -26.76
C THR A 281 -26.31 -11.92 -28.29
N SER A 282 -25.12 -11.95 -28.88
CA SER A 282 -25.00 -12.12 -30.33
C SER A 282 -25.64 -13.43 -30.79
N ALA A 283 -25.33 -14.51 -30.07
CA ALA A 283 -25.90 -15.82 -30.38
C ALA A 283 -27.43 -15.88 -30.21
N ILE A 284 -27.94 -15.23 -29.17
CA ILE A 284 -29.39 -15.18 -28.98
C ILE A 284 -30.04 -14.39 -30.13
N LEU A 285 -29.47 -13.24 -30.47
CA LEU A 285 -30.01 -12.39 -31.53
C LEU A 285 -30.12 -13.12 -32.88
N ASN A 286 -29.14 -13.97 -33.15
CA ASN A 286 -29.07 -14.70 -34.41
C ASN A 286 -29.69 -16.10 -34.39
N HIS A 287 -30.34 -16.44 -33.28
CA HIS A 287 -30.93 -17.77 -33.10
C HIS A 287 -29.97 -18.94 -33.33
N GLU A 288 -28.72 -18.78 -32.90
CA GLU A 288 -27.73 -19.86 -33.00
C GLU A 288 -28.16 -21.05 -32.15
N ASN A 289 -27.77 -22.25 -32.56
CA ASN A 289 -28.07 -23.48 -31.81
C ASN A 289 -27.22 -23.55 -30.54
N ASP A 290 -27.46 -24.57 -29.70
CA ASP A 290 -26.88 -24.64 -28.36
C ASP A 290 -25.35 -24.71 -28.37
N HIS A 291 -24.80 -25.56 -29.24
CA HIS A 291 -23.37 -25.71 -29.36
C HIS A 291 -22.69 -24.43 -29.82
N ASP A 292 -23.26 -23.81 -30.86
CA ASP A 292 -22.68 -22.59 -31.42
C ASP A 292 -22.74 -21.42 -30.44
N LEU A 293 -23.79 -21.38 -29.62
CA LEU A 293 -23.90 -20.31 -28.62
C LEU A 293 -22.82 -20.45 -27.57
N LEU A 294 -22.65 -21.67 -27.05
CA LEU A 294 -21.69 -21.90 -25.97
C LEU A 294 -20.26 -21.73 -26.45
N LYS A 295 -20.00 -22.09 -27.70
CA LYS A 295 -18.68 -21.91 -28.29
C LYS A 295 -18.37 -20.44 -28.59
N LYS A 296 -19.35 -19.67 -29.03
CA LYS A 296 -19.13 -18.24 -29.27
C LYS A 296 -18.84 -17.50 -27.96
N ALA A 297 -19.69 -17.74 -26.96
CA ALA A 297 -19.55 -17.14 -25.65
C ALA A 297 -18.15 -17.36 -25.07
N ASN A 298 -17.74 -18.63 -25.05
CA ASN A 298 -16.47 -19.00 -24.41
C ASN A 298 -15.27 -18.55 -25.20
N THR A 299 -15.40 -18.54 -26.53
CA THR A 299 -14.32 -18.06 -27.38
C THR A 299 -14.04 -16.56 -27.14
N LEU A 300 -15.09 -15.73 -27.11
CA LEU A 300 -14.92 -14.31 -26.83
C LEU A 300 -14.31 -14.07 -25.44
N GLY A 301 -14.75 -14.85 -24.45
CA GLY A 301 -14.14 -14.79 -23.12
C GLY A 301 -12.66 -15.11 -23.16
N LEU A 303 -10.59 -14.87 -25.96
CA LEU A 303 -9.91 -13.85 -26.73
C LEU A 303 -9.63 -12.59 -25.91
N ASN A 304 -10.54 -12.25 -25.00
CA ASN A 304 -10.31 -11.12 -24.10
C ASN A 304 -9.21 -11.39 -23.07
N ALA A 305 -9.19 -12.61 -22.54
CA ALA A 305 -8.20 -12.99 -21.53
C ALA A 305 -6.79 -13.05 -22.12
N GLN A 306 -6.72 -13.18 -23.44
CA GLN A 306 -5.45 -13.14 -24.16
C GLN A 306 -4.96 -11.71 -24.38
N GLU A 307 -5.82 -10.74 -24.09
CA GLU A 307 -5.53 -9.32 -24.35
C GLU A 307 -5.25 -8.53 -23.08
N ALA A 308 -4.32 -7.58 -23.19
CA ALA A 308 -3.99 -6.66 -22.09
C ALA A 308 -5.14 -5.67 -21.85
N GLN A 309 -5.77 -5.23 -22.93
CA GLN A 309 -6.93 -4.35 -22.82
C GLN A 309 -8.09 -5.12 -22.20
N THR A 310 -9.02 -4.38 -21.57
CA THR A 310 -10.19 -5.02 -20.97
C THR A 310 -11.47 -4.75 -21.77
N GLY A 311 -12.14 -5.84 -22.14
CA GLY A 311 -13.28 -5.79 -23.06
C GLY A 311 -12.79 -5.60 -24.48
N TYR A 312 -11.79 -6.40 -24.87
CA TYR A 312 -11.19 -6.28 -26.20
C TYR A 312 -10.82 -7.65 -26.76
N VAL A 313 -10.95 -7.77 -28.08
CA VAL A 313 -10.99 -9.07 -28.70
C VAL A 313 -10.26 -9.07 -30.06
N ASN A 314 -9.35 -10.02 -30.27
CA ASN A 314 -8.66 -10.16 -31.55
C ASN A 314 -9.31 -11.25 -32.40
N LEU A 315 -10.20 -10.83 -33.29
CA LEU A 315 -11.01 -11.77 -34.08
C LEU A 315 -10.18 -12.57 -35.09
N ASN A 316 -8.92 -12.19 -35.27
CA ASN A 316 -8.01 -12.97 -36.11
C ASN A 316 -7.72 -14.33 -35.47
N ASN A 317 -7.82 -14.41 -34.15
CA ASN A 317 -7.64 -15.68 -33.45
C ASN A 317 -8.94 -16.45 -33.14
N TYR A 318 -10.09 -15.88 -33.53
CA TYR A 318 -11.40 -16.46 -33.23
C TYR A 318 -11.55 -17.88 -33.76
N ASP A 319 -11.47 -18.04 -35.07
CA ASP A 319 -11.63 -19.34 -35.72
C ASP A 319 -10.78 -20.45 -35.11
N ASP A 320 -9.56 -20.12 -34.70
CA ASP A 320 -8.61 -21.12 -34.20
C ASP A 320 -8.96 -21.63 -32.81
N LEU A 321 -9.46 -20.74 -31.97
CA LEU A 321 -9.91 -21.12 -30.63
C LEU A 321 -11.26 -21.83 -30.69
N PHE A 322 -12.17 -21.28 -31.50
CA PHE A 322 -13.54 -21.78 -31.60
C PHE A 322 -13.54 -23.26 -31.96
N ASN A 323 -12.72 -23.62 -32.95
CA ASN A 323 -12.63 -25.00 -33.45
C ASN A 323 -12.05 -26.02 -32.46
N GLN A 324 -11.44 -25.54 -31.37
CA GLN A 324 -10.90 -26.44 -30.35
C GLN A 324 -11.93 -26.77 -29.27
N ILE A 325 -12.86 -25.86 -29.02
CA ILE A 325 -13.81 -26.06 -27.94
C ILE A 325 -14.70 -27.28 -28.19
N GLU A 326 -14.87 -28.10 -27.16
CA GLU A 326 -15.83 -29.18 -27.27
C GLU A 326 -17.02 -28.94 -26.35
N VAL A 327 -18.21 -29.16 -26.89
CA VAL A 327 -19.43 -29.09 -26.10
C VAL A 327 -19.99 -30.50 -26.02
N LEU A 328 -20.22 -30.95 -24.80
CA LEU A 328 -20.66 -32.31 -24.51
C LEU A 328 -21.98 -32.25 -23.73
N GLU A 329 -23.01 -32.97 -24.16
CA GLU A 329 -24.21 -33.09 -23.33
C GLU A 329 -23.96 -34.12 -22.22
N VAL A 330 -24.14 -33.71 -20.96
CA VAL A 330 -23.79 -34.59 -19.84
C VAL A 330 -24.98 -34.96 -18.95
N ARG B 17 -26.17 -1.98 17.50
CA ARG B 17 -26.16 -2.77 18.79
C ARG B 17 -25.46 -2.05 19.94
N GLY B 18 -25.24 -2.79 21.04
CA GLY B 18 -24.95 -2.15 22.32
C GLY B 18 -23.53 -2.25 22.83
N SER B 19 -23.37 -2.76 24.04
CA SER B 19 -22.09 -2.72 24.72
C SER B 19 -21.65 -4.05 25.34
N HIS B 20 -22.32 -5.14 25.02
CA HIS B 20 -21.93 -6.40 25.62
C HIS B 20 -20.72 -6.99 24.88
N ILE B 22 -16.04 -7.25 25.30
CA ILE B 22 -14.80 -7.06 26.01
C ILE B 22 -13.83 -6.29 25.10
N LEU B 23 -13.08 -5.38 25.70
CA LEU B 23 -12.00 -4.68 25.01
C LEU B 23 -10.67 -5.16 25.59
N THR B 24 -9.78 -5.64 24.73
CA THR B 24 -8.42 -5.98 25.16
C THR B 24 -7.43 -4.90 24.70
N LEU B 25 -6.44 -4.60 25.53
CA LEU B 25 -5.41 -3.64 25.18
C LEU B 25 -4.06 -4.32 25.10
N THR B 26 -3.41 -4.18 23.96
CA THR B 26 -2.01 -4.55 23.75
C THR B 26 -1.31 -3.26 23.30
N LEU B 27 -0.69 -2.55 24.23
CA LEU B 27 -0.06 -1.29 23.85
C LEU B 27 1.32 -1.57 23.25
N ASN B 28 1.84 -2.78 23.50
CA ASN B 28 3.18 -3.14 23.01
C ASN B 28 3.19 -4.48 22.24
N PRO B 29 2.51 -4.53 21.09
CA PRO B 29 2.43 -5.79 20.35
C PRO B 29 3.72 -6.08 19.57
N SER B 30 3.83 -7.29 19.04
CA SER B 30 5.00 -7.66 18.25
C SER B 30 4.64 -8.67 17.19
N VAL B 31 5.42 -8.67 16.12
CA VAL B 31 5.37 -9.74 15.14
C VAL B 31 6.40 -10.76 15.58
N ASP B 32 5.91 -11.91 16.06
CA ASP B 32 6.74 -12.91 16.70
C ASP B 32 7.16 -13.95 15.67
N ILE B 33 8.47 -14.11 15.52
CA ILE B 33 9.02 -15.08 14.60
C ILE B 33 9.62 -16.23 15.41
N SER B 34 9.25 -17.44 15.07
CA SER B 34 9.81 -18.61 15.73
C SER B 34 10.59 -19.46 14.70
N TYR B 35 11.84 -19.78 15.05
CA TYR B 35 12.72 -20.60 14.24
C TYR B 35 13.07 -21.92 14.94
N PRO B 36 12.37 -23.01 14.60
CA PRO B 36 12.89 -24.29 15.11
C PRO B 36 14.08 -24.77 14.26
N LEU B 37 15.21 -25.01 14.92
CA LEU B 37 16.41 -25.45 14.23
C LEU B 37 16.82 -26.82 14.76
N THR B 38 17.38 -27.66 13.92
CA THR B 38 17.91 -28.92 14.43
C THR B 38 19.12 -28.59 15.31
N ALA B 39 19.95 -27.68 14.81
CA ALA B 39 21.08 -27.16 15.57
C ALA B 39 21.28 -25.70 15.23
N LEU B 40 21.62 -24.90 16.23
CA LEU B 40 22.07 -23.55 15.99
C LEU B 40 23.58 -23.56 15.78
N LYS B 41 24.04 -23.08 14.63
CA LYS B 41 25.46 -23.01 14.33
C LYS B 41 25.96 -21.58 14.47
N LEU B 42 26.71 -21.32 15.53
CA LEU B 42 27.23 -19.99 15.78
C LEU B 42 28.31 -19.60 14.78
N ASP B 43 28.29 -18.33 14.38
CA ASP B 43 29.23 -17.79 13.40
C ASP B 43 29.04 -18.43 12.01
N ASP B 44 27.88 -19.05 11.81
CA ASP B 44 27.59 -19.72 10.56
C ASP B 44 26.20 -19.36 10.05
N VAL B 45 25.88 -19.87 8.85
CA VAL B 45 24.54 -19.76 8.28
C VAL B 45 23.65 -20.90 8.76
N ASN B 46 22.44 -20.55 9.18
CA ASN B 46 21.43 -21.53 9.54
C ASN B 46 20.23 -21.40 8.60
N ARG B 47 19.93 -22.45 7.85
CA ARG B 47 18.84 -22.41 6.88
C ARG B 47 17.57 -23.00 7.45
N VAL B 48 16.47 -22.28 7.28
CA VAL B 48 15.16 -22.72 7.78
C VAL B 48 14.12 -22.65 6.68
N GLN B 49 13.22 -23.63 6.68
CA GLN B 49 12.11 -23.63 5.73
C GLN B 49 10.82 -23.38 6.50
N GLU B 50 10.74 -23.96 7.71
CA GLU B 50 9.50 -24.02 8.47
C GLU B 50 9.37 -22.88 9.49
N VAL B 51 8.99 -21.70 9.04
CA VAL B 51 8.95 -20.52 9.92
C VAL B 51 7.52 -20.12 10.31
N SER B 52 7.29 -19.96 11.61
CA SER B 52 6.03 -19.40 12.08
C SER B 52 6.14 -17.90 12.43
N LYS B 53 5.25 -17.07 11.87
CA LYS B 53 5.21 -15.64 12.20
C LYS B 53 3.81 -15.23 12.67
N THR B 54 3.72 -14.70 13.88
CA THR B 54 2.42 -14.50 14.53
C THR B 54 2.21 -13.08 15.05
N ALA B 55 0.95 -12.75 15.28
CA ALA B 55 0.58 -11.48 15.89
C ALA B 55 0.70 -11.66 17.39
N GLY B 56 1.74 -11.09 17.97
CA GLY B 56 2.13 -11.43 19.31
C GLY B 56 1.90 -10.34 20.32
N GLY B 57 1.95 -10.72 21.59
CA GLY B 57 1.64 -9.82 22.67
C GLY B 57 0.62 -10.48 23.56
N LYS B 58 0.80 -10.30 24.87
CA LYS B 58 -0.08 -10.88 25.88
C LYS B 58 -1.55 -10.58 25.59
N GLY B 59 -1.85 -9.32 25.27
CA GLY B 59 -3.21 -8.89 25.01
C GLY B 59 -3.85 -9.58 23.82
N LEU B 60 -3.01 -9.98 22.87
CA LEU B 60 -3.50 -10.71 21.68
C LEU B 60 -3.74 -12.20 21.94
N ASN B 61 -2.99 -12.78 22.85
CA ASN B 61 -3.29 -14.14 23.34
C ASN B 61 -4.64 -14.17 24.09
N VAL B 62 -4.84 -13.20 24.99
CA VAL B 62 -6.15 -13.02 25.62
C VAL B 62 -7.30 -12.96 24.60
N THR B 63 -7.14 -12.10 23.59
CA THR B 63 -8.13 -11.90 22.55
C THR B 63 -8.48 -13.21 21.85
N ARG B 64 -7.46 -13.96 21.48
CA ARG B 64 -7.63 -15.25 20.81
C ARG B 64 -8.36 -16.26 21.65
N VAL B 65 -7.98 -16.41 22.91
CA VAL B 65 -8.69 -17.34 23.79
C VAL B 65 -10.19 -16.96 23.95
N LEU B 66 -10.47 -15.66 24.15
CA LEU B 66 -11.85 -15.15 24.26
C LEU B 66 -12.64 -15.48 22.98
N ALA B 67 -11.99 -15.28 21.83
CA ALA B 67 -12.57 -15.65 20.54
C ALA B 67 -12.93 -17.14 20.51
N GLN B 68 -12.02 -18.00 20.96
CA GLN B 68 -12.32 -19.44 21.05
C GLN B 68 -13.49 -19.75 21.96
N VAL B 69 -13.52 -19.09 23.10
CA VAL B 69 -14.58 -19.27 24.06
C VAL B 69 -15.93 -18.75 23.51
N GLY B 70 -15.87 -17.87 22.51
CA GLY B 70 -17.06 -17.28 21.90
C GLY B 70 -17.58 -15.99 22.52
N GLU B 71 -16.73 -15.30 23.28
CA GLU B 71 -17.16 -14.02 23.86
C GLU B 71 -16.96 -12.92 22.83
N PRO B 72 -17.85 -11.91 22.81
CA PRO B 72 -17.66 -10.78 21.90
C PRO B 72 -16.44 -10.00 22.35
N VAL B 73 -15.54 -9.70 21.42
CA VAL B 73 -14.27 -9.10 21.79
C VAL B 73 -13.78 -8.15 20.70
N LEU B 74 -13.14 -7.07 21.12
CA LEU B 74 -12.53 -6.09 20.26
C LEU B 74 -11.11 -5.86 20.77
N ALA B 75 -10.11 -5.92 19.88
CA ALA B 75 -8.73 -5.66 20.27
C ALA B 75 -8.29 -4.25 19.90
N SER B 76 -7.61 -3.59 20.82
CA SER B 76 -6.96 -2.29 20.53
C SER B 76 -5.55 -2.22 21.09
N GLY B 77 -4.91 -1.06 20.90
CA GLY B 77 -3.50 -0.86 21.24
C GLY B 77 -2.86 0.03 20.18
N PHE B 78 -1.53 0.09 20.15
CA PHE B 78 -0.82 0.83 19.10
C PHE B 78 -0.27 -0.13 18.04
N ILE B 79 -0.44 0.22 16.76
CA ILE B 79 0.29 -0.44 15.66
C ILE B 79 0.91 0.57 14.70
N GLY B 80 2.09 0.24 14.17
CA GLY B 80 2.75 1.13 13.21
C GLY B 80 3.48 0.44 12.08
N GLY B 81 3.46 1.06 10.90
CA GLY B 81 4.23 0.59 9.76
C GLY B 81 3.74 -0.72 9.20
N GLU B 82 4.56 -1.38 8.39
CA GLU B 82 4.12 -2.61 7.73
C GLU B 82 3.89 -3.76 8.71
N LEU B 83 4.64 -3.81 9.80
CA LEU B 83 4.42 -4.90 10.78
C LEU B 83 3.11 -4.71 11.53
N GLY B 84 2.66 -3.44 11.62
CA GLY B 84 1.35 -3.13 12.21
C GLY B 84 0.27 -3.73 11.34
N GLN B 85 0.45 -3.56 10.04
CA GLN B 85 -0.48 -4.09 9.06
C GLN B 85 -0.53 -5.61 9.04
N PHE B 86 0.60 -6.24 9.37
CA PHE B 86 0.68 -7.70 9.44
C PHE B 86 -0.20 -8.20 10.60
N ILE B 87 -0.10 -7.52 11.72
CA ILE B 87 -0.90 -7.83 12.90
C ILE B 87 -2.39 -7.73 12.54
N ALA B 88 -2.80 -6.61 11.95
CA ALA B 88 -4.19 -6.41 11.57
C ALA B 88 -4.71 -7.51 10.62
N LYS B 89 -3.86 -7.93 9.68
CA LYS B 89 -4.19 -9.01 8.74
C LYS B 89 -4.35 -10.38 9.44
N LYS B 90 -3.44 -10.70 10.34
CA LYS B 90 -3.56 -11.93 11.14
C LYS B 90 -4.88 -12.01 11.90
N LEU B 91 -5.31 -10.88 12.48
CA LEU B 91 -6.59 -10.82 13.19
C LEU B 91 -7.79 -10.93 12.24
N ASP B 92 -7.73 -10.20 11.11
CA ASP B 92 -8.73 -10.34 10.05
C ASP B 92 -8.88 -11.79 9.58
N HIS B 93 -7.77 -12.49 9.37
CA HIS B 93 -7.84 -13.89 8.94
C HIS B 93 -8.60 -14.73 9.96
N ALA B 94 -8.49 -14.37 11.24
CA ALA B 94 -9.15 -15.12 12.28
C ALA B 94 -10.51 -14.56 12.64
N ASP B 95 -10.99 -13.60 11.85
CA ASP B 95 -12.27 -12.91 12.13
C ASP B 95 -12.29 -12.32 13.53
N ILE B 96 -11.16 -11.77 13.98
CA ILE B 96 -11.11 -11.06 15.25
C ILE B 96 -11.21 -9.55 14.98
N LYS B 97 -12.18 -8.90 15.62
CA LYS B 97 -12.41 -7.46 15.43
C LYS B 97 -11.35 -6.60 16.13
N HIS B 98 -10.91 -5.53 15.49
CA HIS B 98 -9.89 -4.67 16.10
C HIS B 98 -10.10 -3.18 15.76
N ALA B 99 -9.67 -2.31 16.66
CA ALA B 99 -9.66 -0.86 16.45
C ALA B 99 -8.36 -0.25 16.99
N PHE B 100 -7.26 -0.52 16.29
CA PHE B 100 -5.93 -0.03 16.70
C PHE B 100 -5.74 1.47 16.43
N TYR B 101 -4.91 2.10 17.25
CA TYR B 101 -4.44 3.46 17.00
C TYR B 101 -3.15 3.41 16.18
N ASN B 102 -3.15 4.05 15.00
CA ASN B 102 -1.98 4.06 14.12
C ASN B 102 -0.92 5.03 14.60
N ILE B 103 0.33 4.58 14.69
CA ILE B 103 1.43 5.45 15.09
C ILE B 103 2.42 5.64 13.95
N LYS B 104 3.33 6.59 14.13
CA LYS B 104 4.32 6.92 13.10
C LYS B 104 5.47 5.90 13.10
N GLY B 105 5.82 5.41 14.27
CA GLY B 105 6.88 4.41 14.43
C GLY B 105 6.47 3.06 13.88
N GLU B 106 7.38 2.10 13.92
CA GLU B 106 7.15 0.77 13.36
C GLU B 106 6.96 -0.26 14.48
N THR B 107 5.89 -1.04 14.40
CA THR B 107 5.71 -2.19 15.29
C THR B 107 6.96 -3.07 15.26
N ARG B 108 7.36 -3.56 16.43
CA ARG B 108 8.58 -4.36 16.59
C ARG B 108 8.45 -5.82 16.16
N ASN B 109 9.61 -6.46 15.97
CA ASN B 109 9.70 -7.92 15.90
C ASN B 109 10.19 -8.45 17.24
N CYS B 110 9.86 -9.70 17.54
CA CYS B 110 10.58 -10.47 18.55
C CYS B 110 10.87 -11.85 17.96
N ILE B 111 12.03 -12.40 18.31
CA ILE B 111 12.45 -13.66 17.75
C ILE B 111 12.66 -14.70 18.85
N ALA B 112 12.24 -15.92 18.56
CA ALA B 112 12.53 -17.08 19.40
C ALA B 112 13.23 -18.09 18.52
N ILE B 113 14.40 -18.56 18.96
CA ILE B 113 15.10 -19.64 18.26
C ILE B 113 14.95 -20.87 19.14
N LEU B 114 14.39 -21.94 18.57
CA LEU B 114 14.19 -23.19 19.29
C LEU B 114 15.17 -24.24 18.77
N HIS B 115 16.13 -24.60 19.61
CA HIS B 115 17.26 -25.44 19.18
C HIS B 115 17.79 -26.28 20.33
N GLU B 116 17.97 -27.58 20.08
CA GLU B 116 18.73 -28.44 21.01
C GLU B 116 18.19 -28.38 22.44
N GLY B 117 16.86 -28.39 22.59
CA GLY B 117 16.22 -28.24 23.88
C GLY B 117 16.31 -26.86 24.52
N GLN B 118 16.78 -25.86 23.75
CA GLN B 118 16.89 -24.49 24.28
C GLN B 118 15.93 -23.54 23.56
N GLN B 119 15.57 -22.46 24.24
CA GLN B 119 14.79 -21.39 23.61
C GLN B 119 15.51 -20.07 23.77
N THR B 120 16.10 -19.59 22.70
CA THR B 120 16.92 -18.39 22.76
C THR B 120 16.13 -17.24 22.11
N GLU B 121 15.97 -16.16 22.84
CA GLU B 121 15.08 -15.06 22.42
C GLU B 121 15.78 -13.73 22.27
N ILE B 122 15.33 -12.97 21.27
CA ILE B 122 15.74 -11.60 21.07
C ILE B 122 14.50 -10.75 21.08
N LEU B 123 14.44 -9.83 22.03
CA LEU B 123 13.27 -8.98 22.22
C LEU B 123 13.66 -7.54 21.94
N GLU B 124 12.99 -6.91 20.98
CA GLU B 124 13.18 -5.51 20.60
C GLU B 124 12.40 -4.57 21.51
N GLN B 125 13.00 -3.45 21.88
CA GLN B 125 12.35 -2.44 22.70
C GLN B 125 11.13 -1.86 21.97
N GLY B 126 11.26 -1.71 20.65
CA GLY B 126 10.15 -1.25 19.83
C GLY B 126 10.11 0.25 19.65
N PRO B 127 8.99 0.76 19.09
CA PRO B 127 8.79 2.16 18.74
C PRO B 127 8.59 3.08 19.96
N GLU B 128 8.89 4.35 19.76
CA GLU B 128 8.64 5.38 20.74
C GLU B 128 7.28 5.99 20.40
N ILE B 129 6.39 6.10 21.40
CA ILE B 129 5.11 6.75 21.18
C ILE B 129 5.29 8.23 21.51
N ASP B 130 4.96 9.11 20.58
CA ASP B 130 5.12 10.53 20.89
C ASP B 130 3.96 11.07 21.74
N ASN B 131 4.11 12.30 22.23
CA ASN B 131 3.11 12.88 23.12
C ASN B 131 1.72 13.05 22.52
N GLN B 132 1.65 13.40 21.23
CA GLN B 132 0.36 13.55 20.56
C GLN B 132 -0.36 12.21 20.35
N GLU B 133 0.42 11.17 20.10
CA GLU B 133 -0.11 9.82 19.90
C GLU B 133 -0.65 9.28 21.24
N ALA B 134 0.08 9.59 22.29
CA ALA B 134 -0.29 9.20 23.64
C ALA B 134 -1.59 9.89 24.06
N ALA B 135 -1.68 11.20 23.83
CA ALA B 135 -2.92 11.94 24.09
C ALA B 135 -4.06 11.47 23.19
N GLY B 136 -3.74 11.25 21.92
CA GLY B 136 -4.74 10.80 20.96
C GLY B 136 -5.34 9.43 21.27
N PHE B 137 -4.51 8.49 21.72
CA PHE B 137 -5.02 7.17 22.05
C PHE B 137 -6.02 7.23 23.21
N ILE B 138 -5.78 8.11 24.17
CA ILE B 138 -6.66 8.23 25.34
C ILE B 138 -8.05 8.65 24.90
N LYS B 139 -8.13 9.56 23.94
CA LYS B 139 -9.42 9.97 23.40
C LYS B 139 -10.08 8.85 22.58
N HIS B 140 -9.28 8.15 21.79
CA HIS B 140 -9.73 6.94 21.06
C HIS B 140 -10.34 5.93 22.02
N PHE B 141 -9.63 5.66 23.11
CA PHE B 141 -10.04 4.71 24.16
C PHE B 141 -11.35 5.13 24.81
N GLU B 142 -11.48 6.42 25.12
CA GLU B 142 -12.74 6.98 25.63
C GLU B 142 -13.93 6.70 24.67
N GLN B 143 -13.69 6.78 23.37
CA GLN B 143 -14.70 6.39 22.39
C GLN B 143 -15.04 4.89 22.44
N LEU B 144 -14.01 4.04 22.59
CA LEU B 144 -14.20 2.57 22.59
C LEU B 144 -14.98 2.13 23.81
N LEU B 145 -14.76 2.80 24.92
CA LEU B 145 -15.38 2.50 26.20
C LEU B 145 -16.90 2.48 26.12
N GLU B 146 -17.45 3.29 25.21
CA GLU B 146 -18.89 3.43 25.03
C GLU B 146 -19.55 2.16 24.52
N LYS B 147 -18.75 1.22 24.02
CA LYS B 147 -19.32 0.03 23.39
C LYS B 147 -18.84 -1.27 24.00
N VAL B 148 -18.26 -1.19 25.20
CA VAL B 148 -17.79 -2.38 25.91
C VAL B 148 -18.21 -2.34 27.37
N GLU B 149 -18.15 -3.50 28.03
CA GLU B 149 -18.51 -3.61 29.44
C GLU B 149 -17.40 -4.17 30.31
N ALA B 150 -16.27 -4.52 29.71
CA ALA B 150 -15.09 -4.94 30.48
C ALA B 150 -13.82 -4.71 29.67
N VAL B 151 -12.73 -4.35 30.33
CA VAL B 151 -11.45 -4.09 29.64
C VAL B 151 -10.36 -4.99 30.24
N ALA B 152 -9.66 -5.74 29.40
CA ALA B 152 -8.50 -6.48 29.86
C ALA B 152 -7.21 -5.79 29.35
N ILE B 153 -6.33 -5.43 30.29
CA ILE B 153 -5.11 -4.71 29.97
C ILE B 153 -3.94 -5.64 30.27
N SER B 154 -3.13 -5.93 29.25
CA SER B 154 -2.03 -6.89 29.33
C SER B 154 -0.73 -6.29 28.78
N GLY B 155 0.37 -6.54 29.49
CA GLY B 155 1.70 -6.27 28.94
C GLY B 155 2.29 -4.97 29.47
N SER B 156 3.56 -4.73 29.12
CA SER B 156 4.29 -3.55 29.56
C SER B 156 3.98 -2.38 28.63
N LEU B 157 4.33 -1.16 29.06
CA LEU B 157 4.12 0.03 28.24
C LEU B 157 5.21 0.16 27.18
N PRO B 158 4.83 0.56 25.96
CA PRO B 158 5.88 0.83 24.97
C PRO B 158 6.67 2.08 25.37
N LYS B 159 7.83 2.25 24.78
CA LYS B 159 8.69 3.39 25.10
C LYS B 159 8.01 4.71 24.79
N GLY B 160 8.20 5.70 25.65
CA GLY B 160 7.76 7.06 25.36
C GLY B 160 6.52 7.46 26.12
N LEU B 161 5.83 6.47 26.69
CA LEU B 161 4.62 6.79 27.44
C LEU B 161 4.99 7.11 28.87
N ASN B 162 4.20 7.98 29.47
CA ASN B 162 4.34 8.28 30.88
C ASN B 162 4.19 7.04 31.70
N GLN B 163 4.99 6.93 32.75
CA GLN B 163 4.91 5.83 33.69
C GLN B 163 3.51 5.60 34.24
N ASP B 164 2.68 6.64 34.23
CA ASP B 164 1.35 6.56 34.84
C ASP B 164 0.24 6.27 33.83
N TYR B 165 0.61 5.81 32.64
CA TYR B 165 -0.34 5.69 31.54
C TYR B 165 -1.50 4.73 31.82
N TYR B 166 -1.22 3.60 32.46
CA TYR B 166 -2.29 2.69 32.85
C TYR B 166 -3.26 3.29 33.87
N ALA B 167 -2.73 4.06 34.84
CA ALA B 167 -3.58 4.82 35.77
C ALA B 167 -4.56 5.76 35.07
N GLN B 168 -4.06 6.47 34.04
CA GLN B 168 -4.92 7.33 33.24
C GLN B 168 -6.04 6.54 32.55
N ILE B 169 -5.69 5.36 32.05
CA ILE B 169 -6.67 4.53 31.35
C ILE B 169 -7.71 4.00 32.34
N ILE B 170 -7.25 3.56 33.50
CA ILE B 170 -8.11 3.00 34.53
C ILE B 170 -9.04 4.09 35.08
N GLU B 171 -8.56 5.32 35.07
CA GLU B 171 -9.36 6.47 35.50
C GLU B 171 -10.59 6.60 34.61
N ARG B 172 -10.38 6.53 33.29
CA ARG B 172 -11.49 6.61 32.34
C ARG B 172 -12.46 5.46 32.55
N CYS B 173 -11.93 4.26 32.77
CA CYS B 173 -12.80 3.10 32.99
C CYS B 173 -13.69 3.31 34.20
N GLN B 174 -13.11 3.75 35.31
CA GLN B 174 -13.83 3.85 36.57
C GLN B 174 -14.91 4.93 36.54
N ASN B 175 -14.62 6.01 35.82
CA ASN B 175 -15.62 7.03 35.54
C ASN B 175 -16.83 6.48 34.76
N LYS B 176 -16.62 5.45 33.96
CA LYS B 176 -17.72 4.85 33.18
C LYS B 176 -18.31 3.60 33.82
N GLY B 177 -17.75 3.19 34.95
CA GLY B 177 -18.19 1.97 35.62
C GLY B 177 -17.84 0.68 34.90
N VAL B 178 -16.77 0.70 34.10
CA VAL B 178 -16.34 -0.46 33.32
C VAL B 178 -15.19 -1.16 34.05
N PRO B 179 -15.38 -2.44 34.45
CA PRO B 179 -14.36 -3.13 35.22
C PRO B 179 -13.09 -3.38 34.42
N VAL B 180 -11.96 -3.40 35.11
CA VAL B 180 -10.66 -3.57 34.47
C VAL B 180 -9.92 -4.74 35.07
N ILE B 181 -9.52 -5.66 34.19
CA ILE B 181 -8.69 -6.80 34.55
C ILE B 181 -7.25 -6.46 34.13
N LEU B 182 -6.35 -6.37 35.11
CA LEU B 182 -5.00 -5.89 34.86
C LEU B 182 -3.93 -6.97 35.02
N ASP B 183 -3.25 -7.29 33.93
CA ASP B 183 -2.19 -8.27 33.93
C ASP B 183 -0.87 -7.63 33.48
N CYS B 184 -0.23 -6.88 34.38
CA CYS B 184 1.12 -6.41 34.13
C CYS B 184 2.00 -6.73 35.32
N SER B 185 3.29 -6.43 35.21
CA SER B 185 4.27 -6.88 36.20
C SER B 185 5.13 -5.72 36.70
N GLY B 186 5.84 -5.97 37.81
CA GLY B 186 6.92 -5.11 38.27
C GLY B 186 6.58 -3.68 38.59
N ALA B 187 7.48 -2.78 38.19
CA ALA B 187 7.34 -1.34 38.44
C ALA B 187 6.04 -0.79 37.85
N THR B 188 5.69 -1.25 36.65
CA THR B 188 4.46 -0.85 35.97
C THR B 188 3.20 -1.16 36.81
N LEU B 189 3.14 -2.36 37.37
CA LEU B 189 2.07 -2.77 38.25
C LEU B 189 2.12 -1.97 39.56
N GLN B 190 3.32 -1.84 40.10
CA GLN B 190 3.54 -1.06 41.32
C GLN B 190 2.99 0.37 41.21
N THR B 191 3.26 1.01 40.07
CA THR B 191 2.74 2.34 39.77
C THR B 191 1.22 2.39 39.92
N VAL B 192 0.53 1.40 39.34
CA VAL B 192 -0.93 1.37 39.42
C VAL B 192 -1.42 1.11 40.85
N LEU B 193 -0.76 0.19 41.56
CA LEU B 193 -1.11 -0.12 42.95
C LEU B 193 -0.94 1.07 43.90
N GLU B 194 -0.01 1.96 43.57
CA GLU B 194 0.23 3.16 44.37
C GLU B 194 -0.67 4.35 44.06
N ASN B 195 -1.44 4.25 42.97
CA ASN B 195 -2.33 5.33 42.54
C ASN B 195 -3.79 5.12 43.00
N PRO B 196 -4.60 6.21 43.02
CA PRO B 196 -5.96 6.13 43.54
C PRO B 196 -6.99 5.37 42.68
N TYR B 197 -6.78 5.32 41.36
CA TYR B 197 -7.71 4.63 40.47
C TYR B 197 -7.33 3.14 40.33
N LYS B 198 -8.18 2.28 40.89
CA LYS B 198 -7.87 0.86 41.06
C LYS B 198 -8.48 0.01 39.97
N PRO B 199 -7.73 -1.03 39.53
CA PRO B 199 -8.31 -2.04 38.66
C PRO B 199 -9.27 -2.91 39.47
N THR B 200 -10.17 -3.60 38.80
CA THR B 200 -11.08 -4.51 39.46
C THR B 200 -10.39 -5.81 39.83
N VAL B 201 -9.52 -6.31 38.94
CA VAL B 201 -8.80 -7.56 39.15
C VAL B 201 -7.29 -7.40 38.91
N ILE B 202 -6.46 -8.00 39.77
CA ILE B 202 -5.05 -8.24 39.50
C ILE B 202 -4.76 -9.71 39.79
N LYS B 203 -3.65 -10.23 39.25
CA LYS B 203 -3.35 -11.65 39.34
C LYS B 203 -1.85 -11.96 39.42
N PRO B 204 -1.13 -11.35 40.39
CA PRO B 204 0.29 -11.69 40.53
C PRO B 204 0.39 -13.14 40.98
N ASN B 205 1.32 -13.91 40.42
CA ASN B 205 1.56 -15.27 40.94
C ASN B 205 2.19 -15.18 42.34
N ILE B 206 2.26 -16.30 43.06
CA ILE B 206 2.70 -16.23 44.48
C ILE B 206 4.11 -15.65 44.63
N SER B 207 5.00 -15.94 43.68
CA SER B 207 6.34 -15.37 43.69
C SER B 207 6.32 -13.85 43.50
N GLU B 208 5.53 -13.36 42.56
CA GLU B 208 5.41 -11.92 42.31
C GLU B 208 4.78 -11.16 43.49
N LEU B 209 3.81 -11.79 44.15
CA LEU B 209 3.12 -11.19 45.29
C LEU B 209 4.13 -10.71 46.35
N TYR B 210 4.97 -11.64 46.78
CA TYR B 210 5.94 -11.38 47.83
C TYR B 210 7.07 -10.45 47.38
N GLN B 211 7.41 -10.47 46.09
CA GLN B 211 8.36 -9.51 45.53
C GLN B 211 7.88 -8.08 45.65
N LEU B 212 6.60 -7.88 45.36
CA LEU B 212 5.98 -6.57 45.48
C LEU B 212 6.06 -6.03 46.91
N LEU B 213 5.90 -6.92 47.88
CA LEU B 213 5.94 -6.54 49.31
C LEU B 213 7.35 -6.48 49.89
N ASN B 214 8.34 -6.99 49.16
CA ASN B 214 9.73 -7.09 49.64
C ASN B 214 9.83 -8.00 50.88
N GLN B 215 9.22 -9.17 50.77
CA GLN B 215 9.19 -10.17 51.83
C GLN B 215 9.57 -11.51 51.22
N PRO B 216 10.08 -12.44 52.05
CA PRO B 216 10.35 -13.80 51.57
C PRO B 216 9.07 -14.58 51.25
N LEU B 217 9.16 -15.49 50.28
CA LEU B 217 8.03 -16.31 49.87
C LEU B 217 7.53 -17.19 51.01
N ASP B 218 6.21 -17.34 51.10
CA ASP B 218 5.60 -18.18 52.15
C ASP B 218 4.31 -18.79 51.63
N GLU B 219 4.24 -20.12 51.63
CA GLU B 219 3.10 -20.84 51.10
C GLU B 219 1.89 -20.90 52.04
N SER B 220 2.10 -20.55 53.30
CA SER B 220 1.05 -20.67 54.32
C SER B 220 -0.15 -19.75 54.10
N LEU B 221 -1.32 -20.23 54.51
CA LEU B 221 -2.56 -19.48 54.38
C LEU B 221 -2.51 -18.16 55.14
N GLU B 222 -2.05 -18.19 56.38
CA GLU B 222 -2.01 -17.01 57.24
C GLU B 222 -1.16 -15.91 56.63
N SER B 223 -0.05 -16.29 56.01
CA SER B 223 0.86 -15.34 55.39
C SER B 223 0.26 -14.78 54.10
N LEU B 224 -0.37 -15.66 53.33
CA LEU B 224 -1.08 -15.29 52.12
C LEU B 224 -2.20 -14.27 52.38
N LYS B 225 -3.04 -14.54 53.38
CA LYS B 225 -4.11 -13.60 53.74
C LYS B 225 -3.53 -12.25 54.11
N GLN B 226 -2.46 -12.27 54.89
CA GLN B 226 -1.80 -11.03 55.34
C GLN B 226 -1.14 -10.30 54.18
N ALA B 227 -0.52 -11.06 53.27
CA ALA B 227 0.10 -10.47 52.09
C ALA B 227 -0.90 -9.68 51.25
N VAL B 228 -2.00 -10.32 50.86
CA VAL B 228 -3.02 -9.68 50.01
C VAL B 228 -3.82 -8.55 50.70
N SER B 229 -3.81 -8.55 52.04
CA SER B 229 -4.52 -7.52 52.81
C SER B 229 -3.68 -6.26 53.10
N GLN B 230 -2.43 -6.26 52.66
CA GLN B 230 -1.54 -5.10 52.83
C GLN B 230 -2.06 -3.85 52.12
N PRO B 231 -1.71 -2.67 52.64
CA PRO B 231 -2.11 -1.39 52.05
C PRO B 231 -1.88 -1.28 50.53
N LEU B 232 -0.81 -1.91 50.06
CA LEU B 232 -0.47 -1.87 48.64
C LEU B 232 -1.67 -2.30 47.78
N PHE B 233 -2.39 -3.33 48.22
CA PHE B 233 -3.47 -3.92 47.45
C PHE B 233 -4.88 -3.40 47.81
N GLU B 234 -4.94 -2.34 48.61
CA GLU B 234 -6.21 -1.73 49.01
C GLU B 234 -7.09 -1.28 47.85
N GLY B 235 -8.39 -1.59 47.95
CA GLY B 235 -9.36 -1.05 47.01
C GLY B 235 -9.47 -1.81 45.70
N ILE B 236 -8.82 -2.97 45.64
CA ILE B 236 -8.90 -3.86 44.48
C ILE B 236 -9.79 -5.04 44.82
N GLU B 237 -10.90 -5.15 44.08
CA GLU B 237 -11.95 -6.11 44.34
C GLU B 237 -11.48 -7.55 44.31
N TRP B 238 -10.72 -7.90 43.28
CA TRP B 238 -10.22 -9.26 43.11
C TRP B 238 -8.70 -9.26 43.04
N ILE B 239 -8.09 -10.10 43.86
CA ILE B 239 -6.68 -10.36 43.77
C ILE B 239 -6.65 -11.87 43.62
N ILE B 240 -6.18 -12.36 42.48
CA ILE B 240 -6.20 -13.80 42.20
C ILE B 240 -4.76 -14.33 42.00
N VAL B 241 -4.24 -15.02 43.01
CA VAL B 241 -2.83 -15.39 43.03
C VAL B 241 -2.62 -16.82 42.57
N SER B 242 -1.97 -16.99 41.42
CA SER B 242 -1.62 -18.31 40.91
C SER B 242 -0.61 -19.06 41.78
N LEU B 243 -0.90 -20.33 42.03
CA LEU B 243 0.02 -21.24 42.70
C LEU B 243 0.50 -22.30 41.71
N GLY B 244 0.48 -21.98 40.42
CA GLY B 244 0.88 -22.94 39.39
C GLY B 244 0.07 -24.23 39.49
N ALA B 245 0.75 -25.37 39.44
CA ALA B 245 0.08 -26.68 39.51
C ALA B 245 -0.71 -26.88 40.81
N GLN B 246 -0.38 -26.09 41.82
CA GLN B 246 -1.09 -26.11 43.11
C GLN B 246 -2.44 -25.35 43.11
N GLY B 247 -2.86 -24.81 41.97
CA GLY B 247 -4.13 -24.10 41.90
C GLY B 247 -3.98 -22.61 42.15
N ALA B 248 -4.81 -22.04 43.01
CA ALA B 248 -4.79 -20.60 43.25
C ALA B 248 -5.28 -20.22 44.64
N PHE B 249 -4.93 -19.00 45.05
CA PHE B 249 -5.48 -18.38 46.27
C PHE B 249 -6.04 -17.03 45.84
N ALA B 250 -7.26 -16.71 46.27
CA ALA B 250 -7.94 -15.49 45.84
C ALA B 250 -8.55 -14.66 46.99
N LYS B 251 -8.65 -13.36 46.78
CA LYS B 251 -9.38 -12.48 47.67
C LYS B 251 -10.41 -11.74 46.85
N HIS B 252 -11.67 -11.82 47.27
CA HIS B 252 -12.74 -11.03 46.69
C HIS B 252 -13.29 -10.16 47.80
N ASN B 253 -13.06 -8.86 47.69
CA ASN B 253 -13.34 -7.94 48.78
C ASN B 253 -12.61 -8.41 50.01
N HIS B 254 -13.30 -9.05 50.94
CA HIS B 254 -12.63 -9.56 52.12
C HIS B 254 -12.99 -11.02 52.43
N THR B 255 -13.39 -11.73 51.38
CA THR B 255 -13.60 -13.17 51.41
C THR B 255 -12.40 -13.84 50.76
N PHE B 256 -11.93 -14.93 51.38
CA PHE B 256 -10.73 -15.64 50.91
C PHE B 256 -11.10 -17.01 50.35
N TYR B 257 -10.50 -17.36 49.21
CA TYR B 257 -10.77 -18.64 48.55
C TYR B 257 -9.50 -19.43 48.27
N ARG B 258 -9.59 -20.74 48.42
CA ARG B 258 -8.55 -21.64 47.95
C ARG B 258 -9.14 -22.43 46.80
N VAL B 259 -8.45 -22.40 45.67
CA VAL B 259 -8.89 -23.14 44.48
C VAL B 259 -7.93 -24.31 44.28
N ASN B 260 -8.41 -25.51 44.56
CA ASN B 260 -7.62 -26.71 44.32
C ASN B 260 -7.99 -27.33 42.99
N ILE B 261 -6.96 -27.68 42.22
CA ILE B 261 -7.15 -28.19 40.87
C ILE B 261 -6.54 -29.59 40.74
N PRO B 262 -7.02 -30.38 39.76
CA PRO B 262 -6.44 -31.72 39.55
C PRO B 262 -5.06 -31.68 38.88
N THR B 263 -4.24 -32.67 39.18
CA THR B 263 -2.96 -32.85 38.50
C THR B 263 -3.20 -33.17 37.02
N ILE B 264 -2.42 -32.55 36.14
CA ILE B 264 -2.59 -32.71 34.69
C ILE B 264 -1.26 -32.91 33.99
N SER B 265 -1.30 -33.34 32.73
CA SER B 265 -0.10 -33.52 31.91
C SER B 265 0.16 -32.29 31.02
N VAL B 266 1.14 -31.50 31.42
CA VAL B 266 1.41 -30.23 30.74
C VAL B 266 2.42 -30.36 29.60
N LEU B 267 2.20 -29.58 28.55
CA LEU B 267 3.12 -29.50 27.45
C LEU B 267 3.81 -28.15 27.50
N ASN B 268 3.01 -27.08 27.53
CA ASN B 268 3.55 -25.73 27.41
C ASN B 268 2.66 -24.71 28.13
N PRO B 269 3.05 -24.33 29.36
CA PRO B 269 2.32 -23.42 30.23
C PRO B 269 2.43 -21.93 29.87
N VAL B 270 3.22 -21.60 28.85
CA VAL B 270 3.32 -20.22 28.39
C VAL B 270 1.95 -19.80 27.84
N GLY B 271 1.48 -18.64 28.25
CA GLY B 271 0.17 -18.16 27.84
C GLY B 271 -0.94 -18.65 28.74
N SER B 272 -0.59 -19.38 29.80
CA SER B 272 -1.60 -19.82 30.75
C SER B 272 -2.15 -18.64 31.54
N GLY B 273 -1.27 -17.71 31.87
CA GLY B 273 -1.68 -16.44 32.47
C GLY B 273 -2.66 -15.71 31.56
N ASP B 274 -2.36 -15.65 30.26
CA ASP B 274 -3.23 -14.96 29.32
C ASP B 274 -4.58 -15.67 29.24
N SER B 275 -4.57 -17.00 29.25
CA SER B 275 -5.81 -17.79 29.17
C SER B 275 -6.66 -17.60 30.43
N THR B 276 -5.98 -17.50 31.57
CA THR B 276 -6.63 -17.18 32.84
C THR B 276 -7.32 -15.81 32.84
N VAL B 277 -6.64 -14.81 32.29
CA VAL B 277 -7.23 -13.47 32.13
C VAL B 277 -8.48 -13.52 31.26
N ALA B 278 -8.41 -14.29 30.17
CA ALA B 278 -9.60 -14.50 29.34
C ALA B 278 -10.78 -15.11 30.12
N GLY B 279 -10.48 -16.13 30.94
CA GLY B 279 -11.48 -16.75 31.84
C GLY B 279 -12.10 -15.75 32.82
N ILE B 280 -11.24 -15.00 33.50
CA ILE B 280 -11.68 -13.95 34.42
C ILE B 280 -12.53 -12.88 33.74
N THR B 281 -12.07 -12.40 32.60
CA THR B 281 -12.76 -11.33 31.89
C THR B 281 -14.11 -11.79 31.35
N SER B 282 -14.19 -13.02 30.85
CA SER B 282 -15.45 -13.63 30.40
C SER B 282 -16.43 -13.78 31.55
N ALA B 283 -15.91 -14.20 32.70
CA ALA B 283 -16.73 -14.40 33.90
C ALA B 283 -17.25 -13.08 34.44
N ILE B 284 -16.42 -12.06 34.41
CA ILE B 284 -16.81 -10.68 34.77
C ILE B 284 -17.92 -10.11 33.85
N LEU B 285 -17.72 -10.24 32.54
CA LEU B 285 -18.71 -9.80 31.54
C LEU B 285 -20.10 -10.41 31.82
N ASN B 286 -20.11 -11.69 32.20
CA ASN B 286 -21.36 -12.45 32.34
C ASN B 286 -21.94 -12.47 33.74
N HIS B 287 -21.26 -11.75 34.65
CA HIS B 287 -21.62 -11.64 36.06
C HIS B 287 -21.69 -12.98 36.77
N GLU B 288 -20.69 -13.83 36.54
CA GLU B 288 -20.66 -15.14 37.17
C GLU B 288 -20.34 -14.98 38.65
N ASN B 289 -20.83 -15.92 39.44
CA ASN B 289 -20.56 -15.93 40.87
C ASN B 289 -19.11 -16.35 41.15
N ASP B 290 -18.66 -16.18 42.39
CA ASP B 290 -17.25 -16.34 42.75
C ASP B 290 -16.64 -17.71 42.41
N HIS B 291 -17.39 -18.77 42.69
CA HIS B 291 -16.92 -20.13 42.42
C HIS B 291 -16.77 -20.37 40.93
N ASP B 292 -17.77 -19.97 40.16
CA ASP B 292 -17.75 -20.10 38.70
C ASP B 292 -16.64 -19.25 38.05
N LEU B 293 -16.47 -18.01 38.52
CA LEU B 293 -15.37 -17.17 38.03
C LEU B 293 -14.03 -17.89 38.23
N LEU B 294 -13.77 -18.36 39.45
CA LEU B 294 -12.48 -19.01 39.75
C LEU B 294 -12.25 -20.32 39.01
N LYS B 295 -13.29 -21.13 38.85
CA LYS B 295 -13.20 -22.39 38.09
C LYS B 295 -12.97 -22.17 36.60
N LYS B 296 -13.66 -21.19 36.00
CA LYS B 296 -13.45 -20.87 34.59
C LYS B 296 -12.03 -20.37 34.32
N ALA B 297 -11.56 -19.45 35.17
CA ALA B 297 -10.22 -18.88 35.08
C ALA B 297 -9.16 -19.98 35.16
N ASN B 298 -9.30 -20.87 36.15
CA ASN B 298 -8.35 -21.96 36.37
C ASN B 298 -8.43 -23.09 35.36
N THR B 299 -9.64 -23.35 34.84
CA THR B 299 -9.81 -24.35 33.78
C THR B 299 -9.11 -23.91 32.50
N LEU B 300 -9.29 -22.65 32.11
CA LEU B 300 -8.65 -22.17 30.89
C LEU B 300 -7.13 -22.13 31.01
N GLY B 301 -6.62 -21.78 32.18
CA GLY B 301 -5.17 -21.81 32.41
C GLY B 301 -4.64 -23.21 32.18
N LEU B 303 -6.13 -25.88 30.48
CA LEU B 303 -6.31 -26.28 29.09
C LEU B 303 -5.20 -25.76 28.19
N ASN B 304 -4.77 -24.52 28.42
CA ASN B 304 -3.62 -23.96 27.70
C ASN B 304 -2.34 -24.74 28.01
N ALA B 305 -2.11 -25.02 29.29
CA ALA B 305 -0.92 -25.77 29.72
C ALA B 305 -0.84 -27.16 29.10
N GLN B 306 -1.99 -27.76 28.81
CA GLN B 306 -2.04 -29.08 28.20
C GLN B 306 -1.79 -29.02 26.70
N GLU B 307 -1.60 -27.82 26.18
CA GLU B 307 -1.43 -27.63 24.73
C GLU B 307 -0.01 -27.20 24.39
N ALA B 308 0.45 -27.59 23.19
CA ALA B 308 1.77 -27.17 22.70
C ALA B 308 1.77 -25.69 22.31
N GLN B 309 0.64 -25.24 21.73
CA GLN B 309 0.49 -23.84 21.35
C GLN B 309 0.32 -22.92 22.56
N THR B 310 0.67 -21.66 22.39
CA THR B 310 0.56 -20.67 23.47
C THR B 310 -0.71 -19.82 23.28
N GLY B 311 -1.51 -19.69 24.34
CA GLY B 311 -2.80 -19.01 24.24
C GLY B 311 -3.74 -19.80 23.35
N TYR B 312 -4.02 -21.04 23.74
CA TYR B 312 -4.81 -21.96 22.93
C TYR B 312 -5.43 -23.03 23.82
N VAL B 313 -6.71 -23.30 23.63
CA VAL B 313 -7.44 -24.21 24.51
C VAL B 313 -8.30 -25.17 23.71
N ASN B 314 -8.33 -26.43 24.12
CA ASN B 314 -9.27 -27.40 23.56
C ASN B 314 -10.52 -27.51 24.43
N LEU B 315 -11.61 -26.91 23.97
CA LEU B 315 -12.80 -26.81 24.80
C LEU B 315 -13.57 -28.13 24.92
N ASN B 316 -13.19 -29.12 24.12
CA ASN B 316 -13.76 -30.46 24.27
C ASN B 316 -13.43 -31.06 25.64
N ASN B 317 -12.38 -30.52 26.26
CA ASN B 317 -11.91 -31.00 27.55
C ASN B 317 -12.26 -30.05 28.69
N TYR B 318 -13.05 -29.02 28.39
CA TYR B 318 -13.38 -28.00 29.41
C TYR B 318 -14.19 -28.55 30.61
N ASP B 319 -15.27 -29.27 30.35
CA ASP B 319 -16.14 -29.74 31.44
C ASP B 319 -15.45 -30.73 32.39
N ASP B 320 -14.77 -31.74 31.83
CA ASP B 320 -14.07 -32.73 32.64
C ASP B 320 -13.14 -32.09 33.67
N LEU B 321 -12.46 -31.02 33.28
CA LEU B 321 -11.54 -30.36 34.19
C LEU B 321 -12.28 -29.46 35.18
N PHE B 322 -13.20 -28.66 34.65
CA PHE B 322 -14.00 -27.72 35.44
C PHE B 322 -14.65 -28.48 36.60
N ASN B 323 -15.21 -29.64 36.30
CA ASN B 323 -15.92 -30.45 37.30
C ASN B 323 -15.04 -30.99 38.41
N GLN B 324 -13.72 -30.98 38.19
CA GLN B 324 -12.75 -31.53 39.13
C GLN B 324 -12.20 -30.49 40.11
N ILE B 325 -12.50 -29.23 39.84
CA ILE B 325 -11.95 -28.13 40.64
C ILE B 325 -12.77 -27.88 41.90
N GLU B 326 -12.07 -27.69 43.01
CA GLU B 326 -12.73 -27.41 44.28
C GLU B 326 -12.41 -25.99 44.73
N VAL B 327 -13.45 -25.21 45.02
CA VAL B 327 -13.27 -23.89 45.59
C VAL B 327 -13.74 -23.87 47.05
N LEU B 328 -12.86 -23.48 47.95
CA LEU B 328 -13.20 -23.42 49.37
C LEU B 328 -13.00 -22.01 49.92
N GLU B 329 -14.00 -21.52 50.65
CA GLU B 329 -13.82 -20.28 51.40
C GLU B 329 -12.90 -20.60 52.58
N VAL B 330 -11.86 -19.79 52.75
CA VAL B 330 -10.89 -20.00 53.81
C VAL B 330 -10.63 -18.69 54.55
N HIS C 20 18.88 4.99 -21.25
CA HIS C 20 20.22 4.91 -20.59
C HIS C 20 20.05 4.64 -19.10
N ILE C 22 20.10 1.08 -15.95
CA ILE C 22 20.40 -0.30 -15.61
C ILE C 22 19.20 -0.91 -14.88
N LEU C 23 18.90 -2.17 -15.19
CA LEU C 23 17.88 -2.91 -14.44
C LEU C 23 18.58 -3.96 -13.57
N THR C 24 18.30 -3.92 -12.26
CA THR C 24 18.77 -4.98 -11.39
C THR C 24 17.63 -5.91 -11.05
N LEU C 25 17.92 -7.21 -11.02
CA LEU C 25 16.93 -8.19 -10.63
C LEU C 25 17.34 -8.87 -9.34
N THR C 26 16.41 -8.89 -8.40
CA THR C 26 16.54 -9.58 -7.12
C THR C 26 15.29 -10.43 -7.04
N LEU C 27 15.31 -11.64 -7.57
CA LEU C 27 14.12 -12.50 -7.51
C LEU C 27 13.77 -12.99 -6.11
N ASN C 28 14.75 -13.09 -5.21
CA ASN C 28 14.47 -13.47 -3.80
C ASN C 28 15.06 -12.46 -2.80
N PRO C 29 14.41 -11.28 -2.66
CA PRO C 29 14.91 -10.29 -1.74
C PRO C 29 14.54 -10.71 -0.29
N SER C 30 14.95 -9.91 0.68
CA SER C 30 14.60 -10.22 2.07
C SER C 30 14.54 -8.94 2.91
N VAL C 31 13.75 -8.98 3.96
CA VAL C 31 13.85 -7.97 5.00
C VAL C 31 14.89 -8.43 6.03
N ASP C 32 16.08 -7.84 5.96
CA ASP C 32 17.20 -8.28 6.79
C ASP C 32 17.19 -7.55 8.12
N ILE C 33 17.22 -8.31 9.21
CA ILE C 33 17.32 -7.68 10.53
C ILE C 33 18.68 -7.98 11.14
N SER C 34 19.36 -6.91 11.59
CA SER C 34 20.65 -7.03 12.23
C SER C 34 20.57 -6.73 13.72
N TYR C 35 21.00 -7.67 14.53
CA TYR C 35 21.03 -7.53 15.99
C TYR C 35 22.46 -7.43 16.51
N PRO C 36 22.93 -6.23 16.83
CA PRO C 36 24.26 -6.15 17.43
C PRO C 36 24.13 -6.39 18.95
N LEU C 37 24.82 -7.41 19.44
CA LEU C 37 24.71 -7.80 20.84
C LEU C 37 26.08 -7.88 21.49
N THR C 38 26.17 -7.45 22.75
CA THR C 38 27.36 -7.61 23.57
C THR C 38 27.66 -9.09 23.71
N ALA C 39 26.62 -9.85 24.05
CA ALA C 39 26.70 -11.31 24.15
C ALA C 39 25.40 -11.94 23.72
N LEU C 40 25.48 -12.99 22.91
CA LEU C 40 24.30 -13.81 22.64
C LEU C 40 24.15 -14.82 23.77
N LYS C 41 23.18 -14.60 24.64
CA LYS C 41 22.94 -15.50 25.77
C LYS C 41 21.99 -16.60 25.34
N LEU C 42 22.53 -17.82 25.19
CA LEU C 42 21.76 -18.95 24.71
C LEU C 42 20.77 -19.42 25.77
N ASP C 43 19.60 -19.86 25.33
CA ASP C 43 18.50 -20.31 26.19
C ASP C 43 18.10 -19.25 27.21
N ASP C 44 18.15 -17.99 26.82
CA ASP C 44 17.86 -16.86 27.70
C ASP C 44 17.25 -15.75 26.82
N VAL C 45 16.78 -14.70 27.47
CA VAL C 45 16.22 -13.53 26.78
C VAL C 45 17.33 -12.51 26.54
N ASN C 46 17.45 -12.04 25.30
CA ASN C 46 18.40 -11.00 24.94
C ASN C 46 17.64 -9.74 24.50
N ARG C 47 17.78 -8.66 25.25
CA ARG C 47 17.03 -7.44 24.94
C ARG C 47 17.85 -6.51 24.06
N VAL C 48 17.23 -5.91 23.05
CA VAL C 48 17.92 -5.01 22.12
C VAL C 48 17.14 -3.71 21.93
N GLN C 49 17.85 -2.61 21.73
CA GLN C 49 17.19 -1.32 21.58
C GLN C 49 16.90 -1.00 20.11
N GLU C 50 17.59 -0.04 19.55
CA GLU C 50 17.46 0.18 18.12
C GLU C 50 18.21 -0.89 17.33
N VAL C 51 17.55 -1.39 16.30
CA VAL C 51 18.09 -2.44 15.46
C VAL C 51 17.94 -1.95 14.03
N SER C 52 18.67 -2.58 13.12
CA SER C 52 18.67 -2.14 11.74
C SER C 52 17.88 -3.14 10.91
N LYS C 53 16.84 -2.66 10.23
CA LYS C 53 16.02 -3.48 9.32
C LYS C 53 16.09 -2.88 7.93
N THR C 54 16.51 -3.68 6.96
CA THR C 54 16.86 -3.12 5.67
C THR C 54 16.35 -3.98 4.50
N ALA C 55 16.24 -3.38 3.32
CA ALA C 55 15.83 -4.09 2.11
C ALA C 55 17.03 -4.86 1.55
N GLY C 56 17.00 -6.18 1.73
CA GLY C 56 18.16 -7.00 1.50
C GLY C 56 18.09 -7.89 0.28
N GLY C 57 19.22 -8.51 -0.03
CA GLY C 57 19.40 -9.28 -1.25
C GLY C 57 20.60 -8.74 -2.01
N LYS C 58 21.35 -9.63 -2.65
CA LYS C 58 22.50 -9.22 -3.42
C LYS C 58 22.14 -8.13 -4.42
N GLY C 59 21.04 -8.35 -5.17
CA GLY C 59 20.64 -7.40 -6.24
C GLY C 59 20.36 -6.00 -5.72
N LEU C 60 19.86 -5.93 -4.48
CA LEU C 60 19.59 -4.62 -3.89
C LEU C 60 20.87 -3.93 -3.39
N ASN C 61 21.88 -4.71 -3.05
CA ASN C 61 23.21 -4.17 -2.77
C ASN C 61 23.78 -3.54 -4.04
N VAL C 62 23.69 -4.28 -5.15
CA VAL C 62 24.13 -3.75 -6.46
C VAL C 62 23.45 -2.44 -6.73
N THR C 63 22.13 -2.41 -6.54
CA THR C 63 21.33 -1.21 -6.77
C THR C 63 21.82 0.01 -5.98
N ARG C 64 22.07 -0.20 -4.69
CA ARG C 64 22.50 0.91 -3.83
C ARG C 64 23.87 1.43 -4.22
N VAL C 65 24.79 0.53 -4.58
CA VAL C 65 26.13 0.94 -5.05
C VAL C 65 26.01 1.78 -6.33
N LEU C 66 25.20 1.33 -7.30
CA LEU C 66 24.90 2.12 -8.52
C LEU C 66 24.31 3.51 -8.25
N ALA C 67 23.39 3.60 -7.28
CA ALA C 67 22.83 4.90 -6.89
C ALA C 67 23.91 5.84 -6.34
N GLN C 68 24.78 5.31 -5.48
CA GLN C 68 25.91 6.12 -4.95
C GLN C 68 26.79 6.61 -6.09
N VAL C 69 27.14 5.68 -6.98
CA VAL C 69 28.01 5.95 -8.11
C VAL C 69 27.35 6.89 -9.13
N GLY C 70 26.04 7.11 -8.97
CA GLY C 70 25.30 8.04 -9.82
C GLY C 70 24.76 7.49 -11.13
N GLU C 71 24.67 6.17 -11.25
CA GLU C 71 24.10 5.54 -12.45
C GLU C 71 22.58 5.46 -12.36
N PRO C 72 21.90 5.74 -13.48
CA PRO C 72 20.43 5.57 -13.52
C PRO C 72 20.11 4.09 -13.32
N VAL C 73 19.27 3.78 -12.34
CA VAL C 73 19.00 2.38 -12.02
C VAL C 73 17.56 2.13 -11.57
N LEU C 74 17.05 0.94 -11.85
CA LEU C 74 15.70 0.56 -11.48
C LEU C 74 15.77 -0.86 -10.97
N ALA C 75 15.20 -1.11 -9.80
CA ALA C 75 15.19 -2.46 -9.21
C ALA C 75 13.89 -3.18 -9.51
N SER C 76 14.00 -4.47 -9.82
CA SER C 76 12.84 -5.32 -9.95
C SER C 76 13.14 -6.66 -9.33
N GLY C 77 12.16 -7.56 -9.40
CA GLY C 77 12.22 -8.86 -8.74
C GLY C 77 10.82 -9.14 -8.18
N PHE C 78 10.72 -10.11 -7.26
CA PHE C 78 9.41 -10.46 -6.65
C PHE C 78 9.33 -9.91 -5.23
N ILE C 79 8.18 -9.38 -4.87
CA ILE C 79 7.91 -9.03 -3.47
C ILE C 79 6.49 -9.49 -3.13
N GLY C 80 6.19 -9.70 -1.85
CA GLY C 80 4.85 -10.12 -1.46
C GLY C 80 4.53 -9.68 -0.06
N GLY C 81 3.25 -9.38 0.18
CA GLY C 81 2.77 -9.15 1.53
C GLY C 81 3.28 -7.86 2.12
N GLU C 82 3.10 -7.74 3.43
CA GLU C 82 3.51 -6.52 4.14
C GLU C 82 5.02 -6.33 4.14
N LEU C 83 5.80 -7.41 4.18
CA LEU C 83 7.26 -7.29 4.11
C LEU C 83 7.74 -6.86 2.74
N GLY C 84 7.03 -7.28 1.70
CA GLY C 84 7.28 -6.73 0.36
C GLY C 84 7.08 -5.23 0.30
N GLN C 85 6.03 -4.73 0.94
CA GLN C 85 5.79 -3.28 1.00
C GLN C 85 6.88 -2.55 1.79
N PHE C 86 7.47 -3.21 2.78
CA PHE C 86 8.54 -2.60 3.57
C PHE C 86 9.78 -2.37 2.70
N ILE C 87 10.10 -3.33 1.83
CA ILE C 87 11.17 -3.20 0.86
C ILE C 87 10.92 -1.99 -0.06
N ALA C 88 9.69 -1.86 -0.56
CA ALA C 88 9.33 -0.77 -1.46
C ALA C 88 9.51 0.59 -0.78
N LYS C 89 9.10 0.68 0.48
CA LYS C 89 9.21 1.88 1.30
C LYS C 89 10.66 2.28 1.54
N LYS C 90 11.50 1.29 1.86
CA LYS C 90 12.91 1.57 2.08
C LYS C 90 13.58 2.11 0.82
N LEU C 91 13.26 1.54 -0.33
CA LEU C 91 13.83 2.06 -1.58
C LEU C 91 13.29 3.46 -1.87
N ASP C 92 12.00 3.66 -1.61
CA ASP C 92 11.39 4.99 -1.77
C ASP C 92 12.09 6.06 -0.93
N HIS C 93 12.39 5.74 0.32
CA HIS C 93 13.07 6.68 1.21
C HIS C 93 14.47 7.02 0.71
N ALA C 94 15.08 6.10 -0.02
CA ALA C 94 16.42 6.32 -0.55
C ALA C 94 16.38 6.87 -1.97
N ASP C 95 15.21 7.30 -2.44
CA ASP C 95 15.00 7.70 -3.84
C ASP C 95 15.54 6.71 -4.89
N ILE C 96 15.37 5.42 -4.62
CA ILE C 96 15.73 4.39 -5.59
C ILE C 96 14.46 3.91 -6.30
N LYS C 97 14.46 3.97 -7.62
CA LYS C 97 13.29 3.54 -8.41
C LYS C 97 13.17 2.01 -8.40
N HIS C 98 11.94 1.55 -8.40
CA HIS C 98 11.70 0.11 -8.42
C HIS C 98 10.40 -0.17 -9.14
N ALA C 99 10.33 -1.34 -9.78
CA ALA C 99 9.12 -1.86 -10.38
C ALA C 99 9.14 -3.35 -10.15
N PHE C 100 8.89 -3.76 -8.92
CA PHE C 100 8.84 -5.16 -8.54
C PHE C 100 7.55 -5.79 -9.05
N TYR C 101 7.42 -7.10 -8.88
CA TYR C 101 6.20 -7.81 -9.26
C TYR C 101 5.63 -8.51 -8.02
N ASN C 102 4.39 -8.19 -7.66
CA ASN C 102 3.76 -8.76 -6.45
C ASN C 102 3.27 -10.19 -6.59
N ILE C 103 3.49 -10.96 -5.54
CA ILE C 103 3.06 -12.36 -5.48
C ILE C 103 2.13 -12.52 -4.27
N LYS C 104 1.47 -13.68 -4.18
CA LYS C 104 0.56 -13.99 -3.07
C LYS C 104 1.31 -14.33 -1.80
N GLY C 105 2.52 -14.87 -1.95
CA GLY C 105 3.33 -15.27 -0.80
C GLY C 105 3.87 -14.07 -0.07
N GLU C 106 4.57 -14.29 1.04
CA GLU C 106 5.16 -13.15 1.75
C GLU C 106 6.66 -13.11 1.51
N THR C 107 7.20 -11.91 1.29
CA THR C 107 8.64 -11.75 1.23
C THR C 107 9.25 -12.23 2.55
N ARG C 108 10.41 -12.89 2.48
CA ARG C 108 11.08 -13.45 3.67
C ARG C 108 11.84 -12.44 4.53
N ASN C 109 12.17 -12.85 5.76
CA ASN C 109 13.16 -12.18 6.59
C ASN C 109 14.45 -13.00 6.53
N CYS C 110 15.56 -12.34 6.83
CA CYS C 110 16.81 -13.02 7.19
C CYS C 110 17.37 -12.29 8.41
N ILE C 111 17.91 -13.04 9.35
CA ILE C 111 18.46 -12.49 10.59
C ILE C 111 19.98 -12.56 10.59
N ALA C 112 20.63 -11.50 11.03
CA ALA C 112 22.06 -11.54 11.36
C ALA C 112 22.24 -11.14 12.82
N ILE C 113 22.80 -12.04 13.62
CA ILE C 113 23.12 -11.69 15.00
C ILE C 113 24.63 -11.47 15.09
N LEU C 114 25.03 -10.25 15.47
CA LEU C 114 26.44 -9.90 15.60
C LEU C 114 26.80 -9.89 17.09
N HIS C 115 27.67 -10.81 17.50
CA HIS C 115 27.98 -11.02 18.92
C HIS C 115 29.41 -11.50 19.14
N GLU C 116 30.19 -10.76 19.92
CA GLU C 116 31.57 -11.16 20.24
C GLU C 116 32.37 -11.51 18.99
N GLY C 117 32.30 -10.64 18.00
CA GLY C 117 33.09 -10.78 16.78
C GLY C 117 32.56 -11.82 15.81
N GLN C 118 31.39 -12.37 16.11
CA GLN C 118 30.81 -13.40 15.27
C GLN C 118 29.59 -12.89 14.50
N GLN C 119 29.26 -13.60 13.44
CA GLN C 119 28.02 -13.33 12.72
C GLN C 119 27.26 -14.62 12.54
N THR C 120 26.17 -14.74 13.29
CA THR C 120 25.32 -15.90 13.22
C THR C 120 24.09 -15.52 12.40
N GLU C 121 23.77 -16.31 11.38
CA GLU C 121 22.70 -15.94 10.47
C GLU C 121 21.60 -16.97 10.41
N ILE C 122 20.37 -16.49 10.23
CA ILE C 122 19.25 -17.36 9.98
C ILE C 122 18.65 -16.95 8.65
N LEU C 123 18.66 -17.87 7.69
CA LEU C 123 18.18 -17.58 6.36
C LEU C 123 16.90 -18.36 6.11
N GLU C 124 15.82 -17.64 5.81
CA GLU C 124 14.55 -18.27 5.49
C GLU C 124 14.56 -18.62 4.00
N GLN C 125 13.98 -19.75 3.65
CA GLN C 125 13.81 -20.13 2.25
C GLN C 125 12.92 -19.14 1.49
N GLY C 126 11.87 -18.64 2.14
CA GLY C 126 10.99 -17.66 1.50
C GLY C 126 9.79 -18.27 0.79
N PRO C 127 9.08 -17.44 0.01
CA PRO C 127 7.79 -17.81 -0.59
C PRO C 127 7.91 -18.75 -1.80
N GLU C 128 6.83 -19.45 -2.08
CA GLU C 128 6.69 -20.22 -3.31
C GLU C 128 6.12 -19.36 -4.40
N ILE C 129 6.73 -19.36 -5.57
CA ILE C 129 6.15 -18.63 -6.69
C ILE C 129 5.34 -19.64 -7.49
N ASP C 130 4.08 -19.32 -7.78
CA ASP C 130 3.26 -20.23 -8.58
C ASP C 130 3.41 -19.93 -10.08
N ASN C 131 2.78 -20.77 -10.91
CA ASN C 131 3.00 -20.69 -12.35
C ASN C 131 2.45 -19.43 -13.01
N GLN C 132 1.35 -18.89 -12.50
CA GLN C 132 0.82 -17.64 -13.04
C GLN C 132 1.69 -16.42 -12.72
N GLU C 133 2.21 -16.38 -11.49
CA GLU C 133 3.18 -15.33 -11.08
C GLU C 133 4.50 -15.44 -11.88
N ALA C 134 4.96 -16.65 -12.10
CA ALA C 134 6.14 -16.92 -12.92
C ALA C 134 5.94 -16.38 -14.35
N ALA C 135 4.76 -16.62 -14.90
CA ALA C 135 4.40 -16.15 -16.23
C ALA C 135 4.20 -14.66 -16.20
N GLY C 136 3.51 -14.18 -15.17
CA GLY C 136 3.26 -12.75 -15.02
C GLY C 136 4.52 -11.89 -14.93
N PHE C 137 5.51 -12.36 -14.17
CA PHE C 137 6.77 -11.60 -14.04
C PHE C 137 7.47 -11.48 -15.39
N ILE C 138 7.45 -12.57 -16.16
CA ILE C 138 8.15 -12.57 -17.44
C ILE C 138 7.67 -11.46 -18.37
N LYS C 139 6.36 -11.26 -18.43
CA LYS C 139 5.74 -10.21 -19.23
C LYS C 139 6.00 -8.82 -18.67
N HIS C 140 5.95 -8.71 -17.35
CA HIS C 140 6.31 -7.47 -16.65
C HIS C 140 7.73 -7.05 -17.03
N PHE C 141 8.64 -8.03 -17.00
CA PHE C 141 10.05 -7.85 -17.31
C PHE C 141 10.29 -7.44 -18.77
N GLU C 142 9.55 -8.06 -19.70
CA GLU C 142 9.60 -7.67 -21.11
C GLU C 142 9.29 -6.18 -21.28
N GLN C 143 8.30 -5.69 -20.56
CA GLN C 143 7.98 -4.25 -20.60
C GLN C 143 9.13 -3.38 -20.06
N LEU C 144 9.78 -3.83 -18.99
CA LEU C 144 10.90 -3.07 -18.40
C LEU C 144 12.13 -3.04 -19.31
N LEU C 145 12.35 -4.15 -20.02
CA LEU C 145 13.46 -4.27 -20.95
C LEU C 145 13.51 -3.12 -21.94
N GLU C 146 12.33 -2.62 -22.32
CA GLU C 146 12.24 -1.48 -23.23
C GLU C 146 12.92 -0.22 -22.70
N LYS C 147 13.04 -0.10 -21.38
CA LYS C 147 13.45 1.14 -20.74
C LYS C 147 14.91 1.20 -20.28
N VAL C 148 15.66 0.12 -20.55
CA VAL C 148 17.00 -0.05 -20.00
C VAL C 148 17.99 -0.55 -21.05
N GLU C 149 19.28 -0.43 -20.75
CA GLU C 149 20.33 -0.80 -21.68
C GLU C 149 21.29 -1.83 -21.11
N ALA C 150 21.02 -2.28 -19.88
CA ALA C 150 21.80 -3.36 -19.26
C ALA C 150 21.07 -3.97 -18.06
N VAL C 151 21.27 -5.27 -17.86
CA VAL C 151 20.64 -6.03 -16.76
C VAL C 151 21.64 -6.77 -15.84
N ALA C 152 21.58 -6.43 -14.55
CA ALA C 152 22.36 -7.15 -13.56
C ALA C 152 21.44 -8.11 -12.80
N ILE C 153 21.79 -9.39 -12.83
CA ILE C 153 21.00 -10.46 -12.24
C ILE C 153 21.81 -11.11 -11.12
N SER C 154 21.27 -11.06 -9.90
CA SER C 154 21.98 -11.52 -8.71
C SER C 154 21.17 -12.53 -7.90
N GLY C 155 21.84 -13.57 -7.42
CA GLY C 155 21.24 -14.48 -6.46
C GLY C 155 20.56 -15.68 -7.06
N SER C 156 20.04 -16.53 -6.18
CA SER C 156 19.44 -17.78 -6.58
C SER C 156 17.94 -17.61 -6.83
N LEU C 157 17.32 -18.64 -7.38
CA LEU C 157 15.91 -18.60 -7.69
C LEU C 157 15.09 -18.88 -6.44
N PRO C 158 14.03 -18.09 -6.21
CA PRO C 158 13.07 -18.46 -5.17
C PRO C 158 12.41 -19.80 -5.49
N LYS C 159 11.90 -20.46 -4.46
CA LYS C 159 11.23 -21.76 -4.58
C LYS C 159 10.02 -21.69 -5.51
N GLY C 160 9.76 -22.78 -6.23
CA GLY C 160 8.61 -22.86 -7.12
C GLY C 160 8.89 -22.57 -8.59
N LEU C 161 9.93 -21.78 -8.87
CA LEU C 161 10.26 -21.43 -10.25
C LEU C 161 10.94 -22.61 -10.96
N ASN C 162 10.62 -22.79 -12.23
CA ASN C 162 11.34 -23.75 -13.04
C ASN C 162 12.82 -23.40 -13.01
N GLN C 163 13.68 -24.41 -13.03
CA GLN C 163 15.11 -24.14 -13.00
C GLN C 163 15.59 -23.41 -14.27
N ASP C 164 14.77 -23.39 -15.31
CA ASP C 164 15.16 -22.74 -16.55
C ASP C 164 14.88 -21.24 -16.54
N TYR C 165 14.46 -20.71 -15.40
CA TYR C 165 13.95 -19.34 -15.33
C TYR C 165 14.98 -18.26 -15.69
N TYR C 166 16.24 -18.40 -15.26
CA TYR C 166 17.24 -17.41 -15.68
C TYR C 166 17.49 -17.53 -17.20
N ALA C 167 17.48 -18.74 -17.72
CA ALA C 167 17.61 -18.97 -19.18
C ALA C 167 16.51 -18.25 -19.97
N GLN C 168 15.27 -18.32 -19.47
CA GLN C 168 14.16 -17.55 -20.03
C GLN C 168 14.38 -16.02 -20.06
N ILE C 169 14.85 -15.49 -18.93
CA ILE C 169 15.10 -14.06 -18.82
C ILE C 169 16.24 -13.58 -19.77
N ILE C 170 17.32 -14.36 -19.79
CA ILE C 170 18.47 -14.05 -20.64
C ILE C 170 18.14 -14.17 -22.14
N GLU C 171 17.39 -15.21 -22.50
CA GLU C 171 16.82 -15.28 -23.85
C GLU C 171 16.16 -13.96 -24.26
N ARG C 172 15.30 -13.43 -23.41
CA ARG C 172 14.61 -12.19 -23.77
C ARG C 172 15.55 -11.00 -23.83
N CYS C 173 16.54 -10.97 -22.94
CA CYS C 173 17.57 -9.93 -23.03
C CYS C 173 18.32 -10.02 -24.36
N GLN C 174 18.79 -11.22 -24.70
CA GLN C 174 19.52 -11.44 -25.95
C GLN C 174 18.74 -10.95 -27.17
N ASN C 175 17.43 -11.19 -27.18
CA ASN C 175 16.55 -10.78 -28.28
C ASN C 175 16.49 -9.26 -28.46
N LYS C 176 16.70 -8.52 -27.39
CA LYS C 176 16.66 -7.06 -27.45
C LYS C 176 18.06 -6.43 -27.48
N GLY C 177 19.09 -7.27 -27.49
CA GLY C 177 20.47 -6.81 -27.48
C GLY C 177 20.81 -6.04 -26.21
N VAL C 178 20.31 -6.53 -25.08
CA VAL C 178 20.56 -5.92 -23.76
C VAL C 178 21.51 -6.85 -23.02
N PRO C 179 22.73 -6.36 -22.71
CA PRO C 179 23.73 -7.21 -22.06
C PRO C 179 23.33 -7.61 -20.63
N VAL C 180 23.70 -8.83 -20.24
CA VAL C 180 23.38 -9.40 -18.93
C VAL C 180 24.67 -9.65 -18.15
N ILE C 181 24.74 -9.04 -16.97
CA ILE C 181 25.79 -9.29 -16.00
C ILE C 181 25.21 -10.23 -14.95
N LEU C 182 25.68 -11.48 -14.90
CA LEU C 182 25.09 -12.51 -14.06
C LEU C 182 25.94 -12.87 -12.84
N ASP C 183 25.40 -12.63 -11.65
CA ASP C 183 26.09 -13.00 -10.42
C ASP C 183 25.28 -14.03 -9.62
N CYS C 184 25.47 -15.30 -9.97
CA CYS C 184 24.92 -16.40 -9.21
C CYS C 184 25.93 -17.54 -9.19
N SER C 185 25.58 -18.66 -8.57
CA SER C 185 26.59 -19.68 -8.31
C SER C 185 26.02 -21.09 -8.35
N GLY C 186 26.92 -22.07 -8.31
CA GLY C 186 26.55 -23.48 -8.21
C GLY C 186 25.62 -23.98 -9.30
N ALA C 187 24.63 -24.76 -8.90
CA ALA C 187 23.69 -25.39 -9.83
C ALA C 187 22.88 -24.38 -10.66
N THR C 188 22.60 -23.23 -10.09
CA THR C 188 21.86 -22.21 -10.84
C THR C 188 22.73 -21.55 -11.92
N LEU C 189 24.01 -21.35 -11.63
CA LEU C 189 24.97 -20.93 -12.67
C LEU C 189 25.12 -22.02 -13.74
N GLN C 190 25.36 -23.26 -13.32
CA GLN C 190 25.53 -24.38 -14.27
C GLN C 190 24.36 -24.45 -15.27
N THR C 191 23.15 -24.33 -14.75
CA THR C 191 21.96 -24.41 -15.59
C THR C 191 21.99 -23.37 -16.72
N VAL C 192 22.44 -22.16 -16.42
CA VAL C 192 22.58 -21.11 -17.45
C VAL C 192 23.70 -21.44 -18.46
N LEU C 193 24.83 -21.92 -17.94
CA LEU C 193 25.97 -22.29 -18.77
C LEU C 193 25.59 -23.36 -19.78
N GLU C 194 24.79 -24.32 -19.31
CA GLU C 194 24.32 -25.42 -20.15
C GLU C 194 23.26 -25.01 -21.19
N ASN C 195 22.81 -23.76 -21.15
CA ASN C 195 21.78 -23.31 -22.06
C ASN C 195 22.36 -22.43 -23.16
N PRO C 196 21.66 -22.34 -24.32
CA PRO C 196 22.14 -21.54 -25.45
C PRO C 196 22.25 -20.01 -25.24
N TYR C 197 21.35 -19.41 -24.47
CA TYR C 197 21.33 -17.95 -24.35
C TYR C 197 22.28 -17.47 -23.27
N LYS C 198 23.37 -16.81 -23.67
CA LYS C 198 24.49 -16.54 -22.75
C LYS C 198 24.44 -15.18 -22.04
N PRO C 199 24.86 -15.15 -20.77
CA PRO C 199 25.11 -13.85 -20.15
C PRO C 199 26.34 -13.19 -20.80
N THR C 200 26.42 -11.87 -20.77
CA THR C 200 27.60 -11.15 -21.27
C THR C 200 28.80 -11.28 -20.32
N VAL C 201 28.52 -11.20 -19.03
CA VAL C 201 29.56 -11.29 -18.00
C VAL C 201 29.15 -12.33 -16.97
N ILE C 202 30.11 -13.19 -16.60
CA ILE C 202 30.00 -13.92 -15.33
C ILE C 202 31.23 -13.63 -14.48
N LYS C 203 31.15 -13.95 -13.19
CA LYS C 203 32.22 -13.58 -12.28
C LYS C 203 32.44 -14.54 -11.12
N PRO C 204 32.66 -15.84 -11.41
CA PRO C 204 32.97 -16.75 -10.32
C PRO C 204 34.39 -16.53 -9.80
N ASN C 205 34.58 -16.57 -8.48
CA ASN C 205 35.92 -16.52 -7.92
C ASN C 205 36.66 -17.83 -8.23
N ILE C 206 37.96 -17.87 -7.91
CA ILE C 206 38.79 -18.98 -8.37
C ILE C 206 38.33 -20.33 -7.84
N SER C 207 37.87 -20.36 -6.59
CA SER C 207 37.38 -21.59 -5.98
C SER C 207 36.09 -22.06 -6.65
N GLU C 208 35.16 -21.14 -6.88
CA GLU C 208 33.94 -21.49 -7.61
C GLU C 208 34.25 -22.02 -9.01
N LEU C 209 35.09 -21.29 -9.74
CA LEU C 209 35.51 -21.65 -11.09
C LEU C 209 35.86 -23.14 -11.22
N TYR C 210 36.72 -23.63 -10.32
CA TYR C 210 37.20 -25.00 -10.39
C TYR C 210 36.19 -26.04 -9.91
N GLN C 211 35.30 -25.61 -9.01
CA GLN C 211 34.23 -26.49 -8.53
C GLN C 211 33.25 -26.80 -9.66
N LEU C 212 32.98 -25.79 -10.49
CA LEU C 212 32.10 -25.94 -11.65
C LEU C 212 32.64 -26.95 -12.66
N LEU C 213 33.97 -27.02 -12.76
CA LEU C 213 34.63 -27.96 -13.66
C LEU C 213 34.89 -29.33 -13.02
N ASN C 214 34.66 -29.43 -11.71
CA ASN C 214 34.99 -30.64 -10.95
C ASN C 214 36.49 -30.92 -10.90
N GLN C 215 37.30 -29.86 -11.02
CA GLN C 215 38.74 -29.99 -10.96
C GLN C 215 39.27 -29.41 -9.65
N PRO C 216 40.40 -29.94 -9.15
CA PRO C 216 41.03 -29.33 -7.99
C PRO C 216 41.46 -27.90 -8.29
N LEU C 217 41.61 -27.10 -7.25
CA LEU C 217 42.00 -25.71 -7.40
C LEU C 217 43.46 -25.59 -7.85
N ASP C 218 43.69 -24.82 -8.90
CA ASP C 218 45.02 -24.65 -9.49
C ASP C 218 45.28 -23.17 -9.79
N GLU C 219 46.21 -22.58 -9.04
CA GLU C 219 46.46 -21.14 -9.10
C GLU C 219 47.34 -20.68 -10.26
N SER C 220 48.03 -21.61 -10.91
CA SER C 220 48.97 -21.27 -11.99
C SER C 220 48.29 -20.61 -13.19
N LEU C 221 48.96 -19.63 -13.79
CA LEU C 221 48.39 -18.87 -14.90
C LEU C 221 47.89 -19.74 -16.07
N GLU C 222 48.75 -20.63 -16.55
CA GLU C 222 48.40 -21.50 -17.68
C GLU C 222 47.11 -22.26 -17.40
N SER C 223 46.95 -22.72 -16.16
CA SER C 223 45.78 -23.50 -15.78
C SER C 223 44.51 -22.66 -15.77
N LEU C 224 44.62 -21.42 -15.30
CA LEU C 224 43.49 -20.49 -15.31
C LEU C 224 42.97 -20.29 -16.73
N LYS C 225 43.89 -20.06 -17.67
CA LYS C 225 43.53 -19.89 -19.08
C LYS C 225 42.71 -21.04 -19.64
N GLN C 226 43.12 -22.28 -19.36
CA GLN C 226 42.36 -23.43 -19.85
C GLN C 226 41.02 -23.63 -19.12
N ALA C 227 41.00 -23.31 -17.83
CA ALA C 227 39.75 -23.41 -17.06
C ALA C 227 38.65 -22.55 -17.67
N VAL C 228 38.96 -21.26 -17.91
CA VAL C 228 37.97 -20.35 -18.47
C VAL C 228 37.70 -20.62 -19.96
N SER C 229 38.55 -21.46 -20.56
CA SER C 229 38.44 -21.81 -21.98
C SER C 229 37.72 -23.14 -22.20
N GLN C 230 37.36 -23.82 -21.12
CA GLN C 230 36.59 -25.06 -21.24
C GLN C 230 35.24 -24.82 -21.92
N PRO C 231 34.69 -25.86 -22.56
CA PRO C 231 33.40 -25.83 -23.26
C PRO C 231 32.25 -25.27 -22.42
N LEU C 232 32.23 -25.60 -21.13
CA LEU C 232 31.22 -25.08 -20.18
C LEU C 232 31.05 -23.56 -20.29
N PHE C 233 32.15 -22.84 -20.50
CA PHE C 233 32.14 -21.38 -20.52
C PHE C 233 32.08 -20.74 -21.92
N GLU C 234 31.97 -21.55 -22.96
CA GLU C 234 31.93 -21.06 -24.34
C GLU C 234 30.78 -20.08 -24.57
N GLY C 235 31.05 -18.98 -25.27
CA GLY C 235 30.01 -18.01 -25.67
C GLY C 235 29.82 -16.81 -24.75
N ILE C 236 30.61 -16.75 -23.68
CA ILE C 236 30.49 -15.65 -22.72
C ILE C 236 31.58 -14.60 -22.96
N GLU C 237 31.18 -13.36 -23.20
CA GLU C 237 32.12 -12.29 -23.54
C GLU C 237 33.19 -12.11 -22.45
N TRP C 238 32.73 -11.81 -21.23
CA TRP C 238 33.62 -11.54 -20.10
C TRP C 238 33.48 -12.58 -19.01
N ILE C 239 34.61 -13.15 -18.62
CA ILE C 239 34.70 -13.97 -17.43
C ILE C 239 35.67 -13.28 -16.49
N ILE C 240 35.16 -12.83 -15.34
CA ILE C 240 35.99 -12.07 -14.41
C ILE C 240 36.12 -12.87 -13.13
N VAL C 241 37.32 -13.38 -12.86
CA VAL C 241 37.56 -14.30 -11.76
C VAL C 241 38.35 -13.63 -10.62
N SER C 242 37.72 -13.57 -9.43
CA SER C 242 38.35 -12.99 -8.23
C SER C 242 39.33 -13.93 -7.55
N LEU C 243 40.51 -13.39 -7.23
CA LEU C 243 41.51 -14.15 -6.50
C LEU C 243 41.55 -13.72 -5.02
N GLY C 244 41.02 -12.53 -4.76
CA GLY C 244 41.00 -11.97 -3.42
C GLY C 244 41.95 -10.78 -3.33
N ALA C 245 42.85 -10.84 -2.34
CA ALA C 245 43.83 -9.79 -2.13
C ALA C 245 44.82 -9.66 -3.30
N GLN C 246 44.97 -10.74 -4.06
CA GLN C 246 45.80 -10.73 -5.27
C GLN C 246 45.17 -9.88 -6.35
N GLY C 247 43.84 -9.83 -6.35
CA GLY C 247 43.08 -9.14 -7.38
C GLY C 247 42.26 -10.15 -8.17
N ALA C 248 42.33 -10.04 -9.50
CA ALA C 248 41.52 -10.90 -10.36
C ALA C 248 42.23 -11.33 -11.64
N PHE C 249 41.69 -12.38 -12.25
CA PHE C 249 42.06 -12.85 -13.59
C PHE C 249 40.81 -12.80 -14.48
N ALA C 250 40.94 -12.24 -15.67
CA ALA C 250 39.80 -12.03 -16.56
C ALA C 250 40.10 -12.44 -18.00
N LYS C 251 39.06 -12.94 -18.67
CA LYS C 251 39.09 -13.24 -20.11
C LYS C 251 37.98 -12.45 -20.78
N HIS C 252 38.36 -11.61 -21.74
CA HIS C 252 37.42 -10.87 -22.58
C HIS C 252 37.60 -11.33 -24.02
N ASN C 253 36.67 -12.15 -24.48
CA ASN C 253 36.77 -12.80 -25.78
C ASN C 253 38.02 -13.67 -25.79
N HIS C 254 39.05 -13.28 -26.54
CA HIS C 254 40.28 -14.07 -26.60
C HIS C 254 41.46 -13.51 -25.80
N THR C 255 41.35 -12.24 -25.38
CA THR C 255 42.37 -11.58 -24.59
C THR C 255 42.29 -11.97 -23.10
N PHE C 256 43.42 -12.35 -22.53
CA PHE C 256 43.51 -12.61 -21.10
C PHE C 256 44.10 -11.42 -20.34
N TYR C 257 43.57 -11.16 -19.14
CA TYR C 257 44.02 -10.06 -18.32
C TYR C 257 44.41 -10.50 -16.89
N ARG C 258 45.41 -9.82 -16.34
CA ARG C 258 45.75 -9.92 -14.93
C ARG C 258 45.64 -8.53 -14.32
N VAL C 259 44.91 -8.44 -13.22
CA VAL C 259 44.70 -7.17 -12.55
C VAL C 259 45.30 -7.26 -11.15
N ASN C 260 46.27 -6.40 -10.89
CA ASN C 260 46.95 -6.39 -9.60
C ASN C 260 46.50 -5.19 -8.80
N ILE C 261 46.12 -5.44 -7.56
CA ILE C 261 45.53 -4.41 -6.71
C ILE C 261 46.39 -4.13 -5.47
N PRO C 262 46.41 -2.87 -5.02
CA PRO C 262 47.13 -2.51 -3.79
C PRO C 262 46.58 -3.24 -2.56
N THR C 263 47.32 -3.21 -1.45
CA THR C 263 46.87 -3.77 -0.18
C THR C 263 45.92 -2.79 0.51
N ILE C 264 44.89 -3.32 1.17
CA ILE C 264 43.94 -2.49 1.89
C ILE C 264 43.69 -3.02 3.29
N SER C 265 43.13 -2.17 4.15
CA SER C 265 42.65 -2.60 5.44
C SER C 265 41.19 -3.01 5.33
N VAL C 266 40.94 -4.31 5.32
CA VAL C 266 39.58 -4.84 5.17
C VAL C 266 38.82 -4.87 6.51
N LEU C 267 37.63 -4.29 6.51
CA LEU C 267 36.73 -4.35 7.67
C LEU C 267 35.70 -5.46 7.48
N ASN C 268 34.96 -5.40 6.37
CA ASN C 268 34.00 -6.44 6.03
C ASN C 268 33.86 -6.63 4.53
N PRO C 269 34.35 -7.78 4.02
CA PRO C 269 34.40 -8.09 2.58
C PRO C 269 33.04 -8.51 1.99
N VAL C 270 32.09 -8.88 2.85
CA VAL C 270 30.73 -9.24 2.41
C VAL C 270 30.11 -8.11 1.61
N GLY C 271 29.53 -8.44 0.46
CA GLY C 271 28.96 -7.43 -0.43
C GLY C 271 29.98 -6.86 -1.42
N SER C 272 31.21 -7.38 -1.36
CA SER C 272 32.25 -6.95 -2.31
C SER C 272 32.00 -7.45 -3.73
N GLY C 273 31.44 -8.65 -3.85
CA GLY C 273 30.94 -9.19 -5.11
C GLY C 273 29.87 -8.28 -5.71
N ASP C 274 28.89 -7.91 -4.90
CA ASP C 274 27.84 -6.97 -5.30
C ASP C 274 28.38 -5.62 -5.79
N SER C 275 29.35 -5.05 -5.08
CA SER C 275 29.97 -3.80 -5.50
C SER C 275 30.73 -3.93 -6.82
N THR C 276 31.38 -5.07 -7.00
CA THR C 276 32.09 -5.39 -8.23
C THR C 276 31.10 -5.51 -9.39
N VAL C 277 30.00 -6.22 -9.17
CA VAL C 277 28.90 -6.22 -10.15
C VAL C 277 28.41 -4.82 -10.53
N ALA C 278 28.24 -3.94 -9.54
CA ALA C 278 27.84 -2.56 -9.86
C ALA C 278 28.87 -1.83 -10.74
N GLY C 279 30.16 -2.07 -10.46
CA GLY C 279 31.24 -1.45 -11.23
C GLY C 279 31.26 -1.97 -12.66
N ILE C 280 31.12 -3.28 -12.81
CA ILE C 280 31.08 -3.92 -14.13
C ILE C 280 29.91 -3.43 -14.97
N THR C 281 28.72 -3.40 -14.36
CA THR C 281 27.51 -2.97 -15.04
C THR C 281 27.55 -1.47 -15.39
N SER C 282 28.18 -0.67 -14.53
CA SER C 282 28.38 0.74 -14.84
C SER C 282 29.26 0.89 -16.09
N ALA C 283 30.32 0.10 -16.14
CA ALA C 283 31.28 0.14 -17.25
C ALA C 283 30.65 -0.33 -18.58
N ILE C 284 29.83 -1.38 -18.50
CA ILE C 284 29.06 -1.84 -19.68
C ILE C 284 28.12 -0.76 -20.18
N LEU C 285 27.34 -0.17 -19.27
CA LEU C 285 26.41 0.89 -19.62
C LEU C 285 27.09 2.05 -20.35
N ASN C 286 28.29 2.38 -19.89
CA ASN C 286 29.01 3.55 -20.42
C ASN C 286 30.01 3.20 -21.51
N HIS C 287 30.03 1.93 -21.91
CA HIS C 287 30.91 1.43 -22.97
C HIS C 287 32.38 1.76 -22.70
N GLU C 288 32.86 1.47 -21.50
CA GLU C 288 34.24 1.76 -21.16
C GLU C 288 35.18 0.70 -21.71
N ASN C 289 36.44 1.09 -21.96
CA ASN C 289 37.46 0.16 -22.44
C ASN C 289 37.76 -0.90 -21.41
N ASP C 290 38.48 -1.95 -21.81
CA ASP C 290 38.71 -3.09 -20.93
C ASP C 290 39.44 -2.73 -19.65
N HIS C 291 40.40 -1.82 -19.75
CA HIS C 291 41.14 -1.33 -18.58
C HIS C 291 40.25 -0.53 -17.62
N ASP C 292 39.52 0.45 -18.14
CA ASP C 292 38.57 1.23 -17.36
C ASP C 292 37.54 0.33 -16.63
N LEU C 293 37.03 -0.69 -17.33
CA LEU C 293 36.07 -1.65 -16.77
C LEU C 293 36.61 -2.45 -15.59
N LEU C 294 37.75 -3.10 -15.79
CA LEU C 294 38.32 -3.95 -14.74
C LEU C 294 38.81 -3.16 -13.52
N LYS C 295 39.25 -1.93 -13.76
CA LYS C 295 39.69 -1.05 -12.68
C LYS C 295 38.52 -0.56 -11.86
N LYS C 296 37.46 -0.10 -12.52
CA LYS C 296 36.24 0.34 -11.83
C LYS C 296 35.66 -0.81 -11.00
N ALA C 297 35.56 -1.99 -11.61
CA ALA C 297 35.08 -3.19 -10.94
C ALA C 297 35.82 -3.50 -9.63
N ASN C 298 37.15 -3.63 -9.74
CA ASN C 298 37.97 -3.93 -8.58
C ASN C 298 38.06 -2.80 -7.58
N THR C 299 37.98 -1.55 -8.07
CA THR C 299 38.01 -0.38 -7.19
C THR C 299 36.78 -0.34 -6.26
N LEU C 300 35.59 -0.58 -6.82
CA LEU C 300 34.35 -0.68 -6.02
C LEU C 300 34.39 -1.84 -5.04
N GLY C 301 34.92 -2.97 -5.49
CA GLY C 301 35.06 -4.16 -4.63
C GLY C 301 35.95 -3.90 -3.41
N LEU C 303 36.71 -0.69 -2.13
CA LEU C 303 36.02 0.34 -1.35
C LEU C 303 35.01 -0.29 -0.39
N ASN C 304 34.18 -1.19 -0.90
CA ASN C 304 33.25 -1.94 -0.03
C ASN C 304 33.94 -2.68 1.10
N ALA C 305 34.95 -3.49 0.75
CA ALA C 305 35.68 -4.28 1.75
C ALA C 305 36.33 -3.41 2.83
N GLN C 306 36.57 -2.15 2.52
CA GLN C 306 37.12 -1.20 3.49
C GLN C 306 36.06 -0.63 4.42
N GLU C 307 34.79 -0.96 4.16
CA GLU C 307 33.67 -0.47 4.95
C GLU C 307 33.10 -1.52 5.90
N ALA C 308 32.56 -1.07 7.02
CA ALA C 308 31.84 -1.94 7.94
C ALA C 308 30.51 -2.38 7.31
N GLN C 309 29.91 -1.45 6.56
CA GLN C 309 28.64 -1.68 5.86
C GLN C 309 28.81 -2.63 4.67
N THR C 310 27.71 -3.29 4.30
CA THR C 310 27.69 -4.20 3.17
C THR C 310 26.99 -3.55 1.96
N GLY C 311 27.63 -3.60 0.80
CA GLY C 311 27.17 -2.85 -0.37
C GLY C 311 27.20 -1.36 -0.10
N TYR C 312 28.36 -0.86 0.31
CA TYR C 312 28.56 0.56 0.55
C TYR C 312 30.00 0.96 0.20
N VAL C 313 30.15 2.12 -0.45
CA VAL C 313 31.46 2.61 -0.89
C VAL C 313 31.71 4.07 -0.47
N ASN C 314 32.96 4.40 -0.13
CA ASN C 314 33.34 5.79 0.05
C ASN C 314 34.06 6.33 -1.18
N LEU C 315 33.34 7.10 -2.01
CA LEU C 315 33.86 7.49 -3.32
C LEU C 315 35.00 8.53 -3.29
N ASN C 316 35.17 9.19 -2.14
CA ASN C 316 36.29 10.11 -1.96
C ASN C 316 37.64 9.39 -2.13
N ASN C 317 37.64 8.09 -1.80
CA ASN C 317 38.83 7.25 -1.89
C ASN C 317 38.95 6.51 -3.23
N TYR C 318 37.97 6.68 -4.11
CA TYR C 318 37.95 6.02 -5.41
C TYR C 318 39.24 6.26 -6.23
N ASP C 319 39.53 7.53 -6.53
CA ASP C 319 40.64 7.91 -7.40
C ASP C 319 41.99 7.33 -6.99
N ASP C 320 42.28 7.38 -5.69
CA ASP C 320 43.58 6.93 -5.17
C ASP C 320 43.81 5.44 -5.33
N LEU C 321 42.77 4.64 -5.10
CA LEU C 321 42.84 3.19 -5.30
C LEU C 321 42.85 2.85 -6.79
N PHE C 322 41.96 3.49 -7.54
CA PHE C 322 41.86 3.33 -9.01
C PHE C 322 43.23 3.54 -9.66
N ASN C 323 43.92 4.60 -9.24
CA ASN C 323 45.23 4.96 -9.78
C ASN C 323 46.40 4.07 -9.36
N GLN C 324 46.11 3.00 -8.61
CA GLN C 324 47.13 2.08 -8.12
C GLN C 324 46.93 0.67 -8.64
N ILE C 325 45.80 0.45 -9.31
CA ILE C 325 45.53 -0.84 -9.93
C ILE C 325 46.28 -0.91 -11.26
N GLU C 326 46.89 -2.05 -11.52
CA GLU C 326 47.51 -2.28 -12.81
C GLU C 326 46.81 -3.44 -13.52
N VAL C 327 46.54 -3.26 -14.81
CA VAL C 327 45.96 -4.31 -15.63
C VAL C 327 46.98 -4.71 -16.70
N LEU C 328 47.30 -6.00 -16.76
CA LEU C 328 48.26 -6.53 -17.72
C LEU C 328 47.65 -7.61 -18.62
N GLU C 329 47.80 -7.46 -19.94
CA GLU C 329 47.43 -8.51 -20.88
C GLU C 329 48.38 -9.67 -20.67
N VAL C 330 47.85 -10.87 -20.48
CA VAL C 330 48.68 -12.01 -20.12
C VAL C 330 48.35 -13.27 -20.94
N HIS D 20 -8.84 47.71 -8.19
CA HIS D 20 -8.62 47.08 -6.87
C HIS D 20 -9.05 45.61 -6.91
N ILE D 22 -7.46 41.18 -7.35
CA ILE D 22 -6.41 40.16 -7.43
C ILE D 22 -6.62 39.27 -8.65
N LEU D 23 -5.55 39.05 -9.41
CA LEU D 23 -5.58 38.11 -10.52
C LEU D 23 -4.90 36.84 -10.03
N THR D 24 -5.58 35.71 -10.14
CA THR D 24 -4.91 34.43 -9.88
C THR D 24 -4.68 33.74 -11.19
N LEU D 25 -3.49 33.18 -11.36
CA LEU D 25 -3.11 32.50 -12.58
C LEU D 25 -2.83 31.03 -12.30
N THR D 26 -3.57 30.18 -12.99
CA THR D 26 -3.47 28.74 -12.84
C THR D 26 -3.32 28.23 -14.25
N LEU D 27 -2.09 28.11 -14.73
CA LEU D 27 -1.88 27.67 -16.11
C LEU D 27 -2.16 26.17 -16.27
N ASN D 28 -2.09 25.41 -15.17
CA ASN D 28 -2.40 23.97 -15.23
C ASN D 28 -3.44 23.67 -14.14
N PRO D 29 -4.70 24.08 -14.32
CA PRO D 29 -5.66 23.80 -13.25
C PRO D 29 -6.09 22.34 -13.28
N SER D 30 -6.76 21.90 -12.22
CA SER D 30 -7.10 20.49 -12.06
C SER D 30 -8.45 20.27 -11.39
N VAL D 31 -9.19 19.25 -11.83
CA VAL D 31 -10.32 18.79 -11.04
C VAL D 31 -9.73 17.82 -10.02
N ASP D 32 -9.66 18.27 -8.77
CA ASP D 32 -8.97 17.51 -7.75
C ASP D 32 -9.98 16.59 -7.08
N ILE D 33 -9.61 15.33 -6.89
CA ILE D 33 -10.54 14.40 -6.27
C ILE D 33 -9.93 13.87 -4.99
N SER D 34 -10.68 13.99 -3.90
CA SER D 34 -10.19 13.57 -2.58
C SER D 34 -10.92 12.28 -2.13
N TYR D 35 -10.14 11.26 -1.79
CA TYR D 35 -10.66 9.97 -1.36
C TYR D 35 -10.19 9.64 0.08
N PRO D 36 -10.96 10.06 1.09
CA PRO D 36 -10.64 9.58 2.43
C PRO D 36 -11.14 8.15 2.62
N LEU D 37 -10.22 7.24 2.90
CA LEU D 37 -10.51 5.81 3.06
C LEU D 37 -10.20 5.47 4.52
N THR D 38 -10.92 4.50 5.08
CA THR D 38 -10.59 4.01 6.42
C THR D 38 -9.24 3.30 6.34
N ALA D 39 -9.05 2.51 5.28
CA ALA D 39 -7.76 1.90 5.01
C ALA D 39 -7.62 1.68 3.50
N LEU D 40 -6.41 1.84 2.97
CA LEU D 40 -6.19 1.61 1.54
C LEU D 40 -5.78 0.16 1.33
N LYS D 41 -6.60 -0.59 0.59
CA LYS D 41 -6.29 -1.97 0.29
C LYS D 41 -5.69 -2.06 -1.10
N LEU D 42 -4.40 -2.39 -1.13
CA LEU D 42 -3.68 -2.51 -2.39
C LEU D 42 -4.13 -3.75 -3.11
N ASP D 43 -4.19 -3.66 -4.43
CA ASP D 43 -4.58 -4.79 -5.27
C ASP D 43 -6.01 -5.31 -4.97
N ASP D 44 -6.85 -4.43 -4.45
CA ASP D 44 -8.22 -4.78 -4.15
C ASP D 44 -9.10 -3.59 -4.52
N VAL D 45 -10.39 -3.79 -4.35
CA VAL D 45 -11.41 -2.77 -4.52
C VAL D 45 -11.60 -1.92 -3.27
N ASN D 46 -11.55 -0.59 -3.40
CA ASN D 46 -11.85 0.30 -2.28
C ASN D 46 -13.09 1.11 -2.62
N ARG D 47 -14.15 0.97 -1.82
CA ARG D 47 -15.41 1.64 -2.12
C ARG D 47 -15.54 2.91 -1.32
N VAL D 48 -15.98 3.98 -1.98
CA VAL D 48 -16.20 5.27 -1.33
C VAL D 48 -17.62 5.74 -1.66
N GLN D 49 -18.21 6.53 -0.78
CA GLN D 49 -19.55 7.07 -1.02
C GLN D 49 -19.45 8.44 -1.67
N GLU D 50 -20.00 9.48 -1.03
CA GLU D 50 -19.82 10.85 -1.54
C GLU D 50 -18.35 11.26 -1.45
N VAL D 51 -17.90 11.96 -2.48
CA VAL D 51 -16.50 12.31 -2.64
C VAL D 51 -16.43 13.79 -3.00
N SER D 52 -15.35 14.45 -2.59
CA SER D 52 -15.20 15.86 -2.90
C SER D 52 -14.42 16.06 -4.20
N LYS D 53 -15.02 16.72 -5.18
CA LYS D 53 -14.33 17.02 -6.42
C LYS D 53 -14.34 18.54 -6.58
N THR D 54 -13.18 19.16 -6.57
CA THR D 54 -13.12 20.62 -6.47
C THR D 54 -12.39 21.26 -7.67
N ALA D 55 -12.68 22.54 -7.93
CA ALA D 55 -11.88 23.35 -8.84
C ALA D 55 -10.57 23.57 -8.14
N GLY D 56 -9.53 22.87 -8.60
CA GLY D 56 -8.26 22.87 -7.92
C GLY D 56 -7.04 23.06 -8.81
N GLY D 57 -5.96 22.39 -8.44
CA GLY D 57 -4.63 22.88 -8.81
C GLY D 57 -4.42 23.96 -7.76
N LYS D 58 -3.18 24.30 -7.49
CA LYS D 58 -2.89 25.24 -6.40
C LYS D 58 -3.63 26.57 -6.59
N GLY D 59 -3.60 27.11 -7.82
CA GLY D 59 -4.11 28.45 -8.10
C GLY D 59 -5.60 28.66 -7.88
N LEU D 60 -6.37 27.59 -8.08
CA LEU D 60 -7.80 27.65 -7.84
C LEU D 60 -8.16 27.42 -6.37
N ASN D 61 -7.30 26.75 -5.64
CA ASN D 61 -7.42 26.70 -4.19
C ASN D 61 -7.27 28.12 -3.64
N VAL D 62 -6.17 28.80 -4.01
CA VAL D 62 -6.01 30.23 -3.70
C VAL D 62 -7.28 31.02 -4.00
N THR D 63 -7.80 30.85 -5.22
CA THR D 63 -8.94 31.64 -5.71
C THR D 63 -10.17 31.49 -4.81
N ARG D 64 -10.50 30.23 -4.49
CA ARG D 64 -11.67 29.91 -3.67
C ARG D 64 -11.56 30.45 -2.24
N VAL D 65 -10.35 30.42 -1.67
CA VAL D 65 -10.13 30.97 -0.34
C VAL D 65 -10.24 32.51 -0.33
N LEU D 66 -9.65 33.17 -1.33
CA LEU D 66 -9.78 34.63 -1.47
C LEU D 66 -11.24 35.03 -1.64
N ALA D 67 -12.01 34.21 -2.34
CA ALA D 67 -13.44 34.43 -2.51
C ALA D 67 -14.18 34.26 -1.16
N GLN D 68 -13.78 33.26 -0.39
CA GLN D 68 -14.37 33.07 0.94
C GLN D 68 -14.14 34.27 1.85
N VAL D 69 -12.92 34.80 1.87
CA VAL D 69 -12.63 35.96 2.71
C VAL D 69 -13.38 37.22 2.27
N GLY D 70 -13.51 37.42 0.96
CA GLY D 70 -14.34 38.50 0.45
C GLY D 70 -13.62 39.50 -0.43
N GLU D 71 -12.37 39.21 -0.79
CA GLU D 71 -11.64 40.14 -1.65
C GLU D 71 -11.93 39.95 -3.13
N PRO D 72 -11.82 41.05 -3.90
CA PRO D 72 -11.99 41.08 -5.36
C PRO D 72 -10.94 40.20 -6.04
N VAL D 73 -11.41 39.16 -6.72
CA VAL D 73 -10.52 38.17 -7.32
C VAL D 73 -11.06 37.76 -8.69
N LEU D 74 -10.15 37.61 -9.65
CA LEU D 74 -10.48 37.14 -10.98
C LEU D 74 -9.50 36.01 -11.31
N ALA D 75 -10.03 34.86 -11.70
CA ALA D 75 -9.18 33.69 -12.02
C ALA D 75 -8.94 33.58 -13.51
N SER D 76 -7.69 33.35 -13.88
CA SER D 76 -7.37 33.04 -15.26
C SER D 76 -6.39 31.86 -15.36
N GLY D 77 -6.06 31.50 -16.59
CA GLY D 77 -5.25 30.33 -16.85
C GLY D 77 -5.80 29.64 -18.07
N PHE D 78 -5.40 28.39 -18.29
CA PHE D 78 -5.87 27.60 -19.43
C PHE D 78 -6.89 26.58 -18.97
N ILE D 79 -7.98 26.43 -19.72
CA ILE D 79 -8.88 25.30 -19.50
C ILE D 79 -9.35 24.74 -20.83
N GLY D 80 -9.76 23.48 -20.80
CA GLY D 80 -10.23 22.80 -22.01
C GLY D 80 -11.02 21.58 -21.63
N GLY D 81 -11.92 21.19 -22.54
CA GLY D 81 -12.63 19.93 -22.40
C GLY D 81 -13.72 19.95 -21.37
N GLU D 82 -14.22 18.76 -21.06
CA GLU D 82 -15.29 18.59 -20.09
C GLU D 82 -14.88 18.96 -18.67
N LEU D 83 -13.63 18.67 -18.31
CA LEU D 83 -13.18 19.01 -16.97
C LEU D 83 -12.99 20.51 -16.83
N GLY D 84 -12.70 21.19 -17.95
CA GLY D 84 -12.65 22.66 -17.97
C GLY D 84 -14.04 23.24 -17.65
N GLN D 85 -15.07 22.68 -18.27
CA GLN D 85 -16.46 23.11 -18.00
C GLN D 85 -16.84 22.82 -16.55
N PHE D 86 -16.35 21.71 -16.00
CA PHE D 86 -16.64 21.39 -14.60
C PHE D 86 -16.05 22.44 -13.64
N ILE D 87 -14.83 22.89 -13.93
CA ILE D 87 -14.20 23.95 -13.15
C ILE D 87 -14.96 25.27 -13.26
N ALA D 88 -15.31 25.64 -14.49
CA ALA D 88 -16.09 26.86 -14.73
C ALA D 88 -17.40 26.83 -13.95
N LYS D 89 -18.06 25.68 -13.99
CA LYS D 89 -19.30 25.44 -13.29
C LYS D 89 -19.17 25.62 -11.77
N LYS D 90 -18.20 24.92 -11.17
CA LYS D 90 -17.89 25.07 -9.75
C LYS D 90 -17.65 26.53 -9.35
N LEU D 91 -16.95 27.30 -10.18
CA LEU D 91 -16.71 28.72 -9.90
C LEU D 91 -17.99 29.57 -10.09
N ASP D 92 -18.72 29.31 -11.17
CA ASP D 92 -20.00 29.99 -11.42
C ASP D 92 -20.96 29.85 -10.24
N HIS D 93 -20.97 28.67 -9.62
CA HIS D 93 -21.87 28.39 -8.50
C HIS D 93 -21.52 29.16 -7.22
N ALA D 94 -20.25 29.54 -7.08
CA ALA D 94 -19.80 30.32 -5.92
C ALA D 94 -19.67 31.80 -6.27
N ASP D 95 -20.13 32.18 -7.45
CA ASP D 95 -20.07 33.56 -7.92
C ASP D 95 -18.63 34.08 -8.13
N ILE D 96 -17.71 33.16 -8.44
CA ILE D 96 -16.31 33.53 -8.62
C ILE D 96 -16.05 33.89 -10.08
N LYS D 97 -15.55 35.10 -10.30
CA LYS D 97 -15.30 35.60 -11.65
C LYS D 97 -14.09 34.89 -12.26
N HIS D 98 -14.15 34.66 -13.57
CA HIS D 98 -13.08 33.99 -14.28
C HIS D 98 -12.98 34.46 -15.74
N ALA D 99 -11.76 34.50 -16.26
CA ALA D 99 -11.52 34.81 -17.66
C ALA D 99 -10.43 33.87 -18.16
N PHE D 100 -10.80 32.60 -18.33
CA PHE D 100 -9.88 31.57 -18.80
C PHE D 100 -9.65 31.67 -20.29
N TYR D 101 -8.48 31.22 -20.73
CA TYR D 101 -8.19 31.11 -22.13
C TYR D 101 -8.46 29.65 -22.48
N ASN D 102 -9.34 29.43 -23.45
CA ASN D 102 -9.75 28.07 -23.83
C ASN D 102 -8.77 27.43 -24.80
N ILE D 103 -8.40 26.18 -24.48
CA ILE D 103 -7.41 25.46 -25.25
C ILE D 103 -8.05 24.25 -25.91
N LYS D 104 -7.32 23.64 -26.84
CA LYS D 104 -7.85 22.48 -27.56
C LYS D 104 -7.64 21.22 -26.73
N GLY D 105 -6.66 21.26 -25.84
CA GLY D 105 -6.35 20.15 -24.94
C GLY D 105 -7.40 20.03 -23.82
N GLU D 106 -7.17 19.08 -22.92
CA GLU D 106 -8.15 18.77 -21.90
C GLU D 106 -7.60 19.07 -20.52
N THR D 107 -8.39 19.74 -19.70
CA THR D 107 -7.99 20.01 -18.33
C THR D 107 -7.83 18.66 -17.60
N ARG D 108 -6.85 18.58 -16.71
CA ARG D 108 -6.51 17.32 -15.99
C ARG D 108 -7.29 17.05 -14.69
N ASN D 109 -7.15 15.82 -14.17
CA ASN D 109 -7.49 15.45 -12.79
C ASN D 109 -6.23 15.32 -11.95
N CYS D 110 -6.37 15.47 -10.64
CA CYS D 110 -5.37 15.00 -9.70
C CYS D 110 -6.14 14.30 -8.60
N ILE D 111 -5.51 13.31 -7.97
CA ILE D 111 -6.18 12.56 -6.91
C ILE D 111 -5.37 12.62 -5.64
N ALA D 112 -6.06 12.68 -4.50
CA ALA D 112 -5.43 12.50 -3.19
C ALA D 112 -6.19 11.44 -2.41
N ILE D 113 -5.46 10.41 -1.98
CA ILE D 113 -6.01 9.33 -1.17
C ILE D 113 -5.54 9.56 0.26
N LEU D 114 -6.50 9.72 1.16
CA LEU D 114 -6.20 9.99 2.56
C LEU D 114 -6.48 8.73 3.36
N HIS D 115 -5.43 8.14 3.93
CA HIS D 115 -5.60 6.84 4.57
C HIS D 115 -4.70 6.62 5.77
N GLU D 116 -5.30 6.40 6.93
CA GLU D 116 -4.53 6.07 8.14
C GLU D 116 -3.34 7.01 8.34
N GLY D 117 -3.59 8.31 8.26
CA GLY D 117 -2.55 9.32 8.47
C GLY D 117 -1.73 9.65 7.23
N GLN D 118 -1.79 8.77 6.22
CA GLN D 118 -1.03 8.97 5.00
C GLN D 118 -1.77 9.84 3.98
N GLN D 119 -1.01 10.38 3.03
CA GLN D 119 -1.52 11.29 2.03
C GLN D 119 -0.82 10.89 0.74
N THR D 120 -1.51 10.08 -0.05
CA THR D 120 -0.98 9.52 -1.29
C THR D 120 -1.65 10.19 -2.49
N GLU D 121 -0.86 10.92 -3.27
CA GLU D 121 -1.38 11.76 -4.34
C GLU D 121 -0.87 11.25 -5.68
N ILE D 122 -1.71 11.40 -6.70
CA ILE D 122 -1.36 11.09 -8.08
C ILE D 122 -1.67 12.34 -8.90
N LEU D 123 -0.63 12.91 -9.51
CA LEU D 123 -0.74 14.15 -10.27
C LEU D 123 -0.51 13.86 -11.76
N GLU D 124 -1.50 14.23 -12.59
CA GLU D 124 -1.42 14.11 -14.04
C GLU D 124 -0.60 15.26 -14.60
N GLN D 125 0.11 15.00 -15.69
CA GLN D 125 0.92 16.03 -16.36
C GLN D 125 0.08 17.19 -16.88
N GLY D 126 -1.06 16.89 -17.49
CA GLY D 126 -1.93 17.91 -18.03
C GLY D 126 -1.75 18.07 -19.52
N PRO D 127 -2.49 19.01 -20.12
CA PRO D 127 -2.52 19.17 -21.58
C PRO D 127 -1.25 19.84 -22.12
N GLU D 128 -0.95 19.61 -23.40
CA GLU D 128 0.10 20.37 -24.04
C GLU D 128 -0.52 21.63 -24.62
N ILE D 129 0.13 22.77 -24.39
CA ILE D 129 -0.32 24.04 -24.93
C ILE D 129 0.41 24.27 -26.26
N ASP D 130 -0.30 24.72 -27.29
CA ASP D 130 0.38 24.97 -28.57
C ASP D 130 0.91 26.40 -28.72
N ASN D 131 1.69 26.64 -29.79
CA ASN D 131 2.28 27.94 -30.05
C ASN D 131 1.28 29.09 -30.07
N GLN D 132 0.13 28.85 -30.70
CA GLN D 132 -0.90 29.86 -30.85
C GLN D 132 -1.58 30.20 -29.51
N GLU D 133 -1.88 29.17 -28.72
CA GLU D 133 -2.48 29.33 -27.40
C GLU D 133 -1.52 30.04 -26.44
N ALA D 134 -0.24 29.64 -26.48
CA ALA D 134 0.79 30.24 -25.63
C ALA D 134 0.99 31.74 -25.89
N ALA D 135 1.03 32.12 -27.17
CA ALA D 135 1.17 33.54 -27.54
C ALA D 135 -0.12 34.29 -27.27
N GLY D 136 -1.23 33.67 -27.65
CA GLY D 136 -2.55 34.20 -27.39
C GLY D 136 -2.80 34.50 -25.92
N PHE D 137 -2.41 33.58 -25.03
CA PHE D 137 -2.55 33.83 -23.61
C PHE D 137 -1.75 35.04 -23.11
N ILE D 138 -0.53 35.20 -23.56
CA ILE D 138 0.25 36.38 -23.15
C ILE D 138 -0.51 37.69 -23.40
N LYS D 139 -1.10 37.80 -24.59
CA LYS D 139 -1.89 38.97 -25.02
C LYS D 139 -3.09 39.16 -24.11
N HIS D 140 -3.78 38.06 -23.86
CA HIS D 140 -4.93 38.03 -22.97
C HIS D 140 -4.51 38.46 -21.57
N PHE D 141 -3.37 37.96 -21.10
CA PHE D 141 -2.85 38.36 -19.80
C PHE D 141 -2.58 39.88 -19.71
N GLU D 142 -1.97 40.42 -20.75
CA GLU D 142 -1.72 41.86 -20.81
C GLU D 142 -3.01 42.68 -20.62
N GLN D 143 -4.11 42.23 -21.21
CA GLN D 143 -5.37 42.94 -21.06
C GLN D 143 -5.91 42.86 -19.62
N LEU D 144 -5.82 41.68 -19.02
CA LEU D 144 -6.26 41.49 -17.62
C LEU D 144 -5.45 42.33 -16.65
N LEU D 145 -4.14 42.40 -16.88
CA LEU D 145 -3.24 43.17 -16.02
C LEU D 145 -3.71 44.62 -15.79
N GLU D 146 -4.38 45.19 -16.79
CA GLU D 146 -4.82 46.59 -16.72
C GLU D 146 -5.82 46.87 -15.59
N LYS D 147 -6.49 45.83 -15.11
CA LYS D 147 -7.51 45.98 -14.07
N VAL D 148 -6.01 45.06 -12.34
CA VAL D 148 -5.68 44.44 -11.06
C VAL D 148 -4.44 45.08 -10.42
N GLU D 149 -4.29 44.87 -9.13
CA GLU D 149 -3.17 45.44 -8.37
C GLU D 149 -2.30 44.39 -7.71
N ALA D 150 -2.55 43.12 -8.02
CA ALA D 150 -1.67 42.02 -7.57
C ALA D 150 -1.95 40.75 -8.37
N VAL D 151 -0.90 39.97 -8.62
CA VAL D 151 -1.06 38.71 -9.35
C VAL D 151 -0.52 37.58 -8.49
N ALA D 152 -1.32 36.53 -8.31
CA ALA D 152 -0.83 35.36 -7.58
C ALA D 152 -0.66 34.25 -8.59
N ILE D 153 0.57 33.78 -8.72
CA ILE D 153 0.89 32.74 -9.66
C ILE D 153 1.21 31.45 -8.92
N SER D 154 0.49 30.39 -9.26
CA SER D 154 0.60 29.10 -8.56
C SER D 154 0.86 27.93 -9.50
N GLY D 155 1.77 27.05 -9.10
CA GLY D 155 1.87 25.75 -9.72
C GLY D 155 2.80 25.55 -10.89
N SER D 156 2.64 24.38 -11.52
CA SER D 156 3.46 23.93 -12.63
C SER D 156 3.15 24.67 -13.92
N LEU D 157 4.18 24.96 -14.71
CA LEU D 157 3.95 25.31 -16.11
C LEU D 157 3.50 24.07 -16.82
N PRO D 158 2.39 24.14 -17.56
CA PRO D 158 1.96 22.99 -18.34
C PRO D 158 2.91 22.68 -19.49
N LYS D 159 2.86 21.43 -19.97
CA LYS D 159 3.67 20.99 -21.08
C LYS D 159 3.44 21.88 -22.31
N GLY D 160 4.52 22.18 -23.03
CA GLY D 160 4.42 22.92 -24.28
C GLY D 160 4.81 24.38 -24.15
N LEU D 161 4.72 24.93 -22.93
CA LEU D 161 5.14 26.31 -22.71
C LEU D 161 6.66 26.37 -22.59
N ASN D 162 7.25 27.44 -23.10
CA ASN D 162 8.69 27.59 -23.02
C ASN D 162 9.13 27.93 -21.60
N GLN D 163 10.30 27.43 -21.22
CA GLN D 163 10.74 27.51 -19.83
C GLN D 163 10.74 28.93 -19.27
N ASP D 164 10.81 29.93 -20.13
CA ASP D 164 10.86 31.31 -19.64
C ASP D 164 9.48 31.95 -19.46
N TYR D 165 8.43 31.13 -19.55
CA TYR D 165 7.07 31.67 -19.59
C TYR D 165 6.68 32.51 -18.38
N TYR D 166 7.03 32.07 -17.17
CA TYR D 166 6.75 32.88 -15.97
C TYR D 166 7.59 34.15 -15.91
N ALA D 167 8.85 34.05 -16.32
CA ALA D 167 9.69 35.24 -16.37
C ALA D 167 9.06 36.27 -17.30
N GLN D 168 8.49 35.80 -18.41
CA GLN D 168 7.78 36.66 -19.35
C GLN D 168 6.58 37.34 -18.71
N ILE D 169 5.86 36.59 -17.89
CA ILE D 169 4.69 37.12 -17.19
C ILE D 169 5.09 38.13 -16.13
N ILE D 170 6.10 37.80 -15.33
CA ILE D 170 6.56 38.72 -14.29
C ILE D 170 7.18 40.02 -14.86
N GLU D 171 7.90 39.92 -15.97
CA GLU D 171 8.41 41.13 -16.64
C GLU D 171 7.26 42.08 -16.96
N ARG D 172 6.16 41.53 -17.45
CA ARG D 172 4.96 42.29 -17.78
C ARG D 172 4.32 42.93 -16.55
N CYS D 173 4.34 42.21 -15.43
CA CYS D 173 3.85 42.74 -14.17
C CYS D 173 4.75 43.88 -13.68
N GLN D 174 6.06 43.68 -13.76
CA GLN D 174 7.02 44.70 -13.31
C GLN D 174 6.86 45.99 -14.13
N ASN D 175 6.78 45.85 -15.45
CA ASN D 175 6.54 46.97 -16.37
C ASN D 175 5.32 47.81 -15.95
N LYS D 176 4.36 47.17 -15.31
CA LYS D 176 3.13 47.83 -14.85
C LYS D 176 3.13 48.18 -13.37
N GLY D 177 4.16 47.75 -12.64
CA GLY D 177 4.21 47.98 -11.20
C GLY D 177 3.17 47.19 -10.40
N VAL D 178 2.88 45.96 -10.84
CA VAL D 178 1.93 45.09 -10.14
C VAL D 178 2.68 43.96 -9.44
N PRO D 179 2.59 43.88 -8.10
CA PRO D 179 3.34 42.90 -7.30
C PRO D 179 2.95 41.47 -7.62
N VAL D 180 3.92 40.56 -7.58
CA VAL D 180 3.68 39.16 -7.90
C VAL D 180 3.99 38.26 -6.71
N ILE D 181 3.00 37.49 -6.29
CA ILE D 181 3.22 36.43 -5.30
C ILE D 181 3.37 35.12 -6.06
N LEU D 182 4.54 34.50 -5.93
CA LEU D 182 4.85 33.33 -6.74
C LEU D 182 4.97 32.07 -5.89
N ASP D 183 4.07 31.12 -6.13
CA ASP D 183 4.01 29.86 -5.40
C ASP D 183 4.35 28.71 -6.34
N CYS D 184 5.64 28.50 -6.56
CA CYS D 184 6.10 27.31 -7.25
C CYS D 184 7.43 26.83 -6.65
N SER D 185 7.99 25.77 -7.22
CA SER D 185 9.11 25.09 -6.60
C SER D 185 9.97 24.38 -7.63
N GLY D 186 11.16 23.95 -7.20
CA GLY D 186 12.06 23.18 -8.04
C GLY D 186 12.55 23.97 -9.24
N ALA D 187 12.65 23.28 -10.37
CA ALA D 187 13.18 23.87 -11.59
C ALA D 187 12.42 25.12 -12.04
N THR D 188 11.10 25.12 -11.88
CA THR D 188 10.29 26.25 -12.34
C THR D 188 10.59 27.54 -11.57
N LEU D 189 10.80 27.43 -10.26
CA LEU D 189 11.15 28.59 -9.45
C LEU D 189 12.60 28.99 -9.66
N GLN D 190 13.46 28.00 -9.81
CA GLN D 190 14.88 28.21 -10.07
C GLN D 190 15.05 29.12 -11.31
N THR D 191 14.34 28.79 -12.37
CA THR D 191 14.33 29.59 -13.61
C THR D 191 13.96 31.06 -13.36
N VAL D 192 12.99 31.29 -12.49
CA VAL D 192 12.56 32.66 -12.15
C VAL D 192 13.64 33.39 -11.36
N LEU D 193 14.18 32.74 -10.34
CA LEU D 193 15.18 33.35 -9.46
C LEU D 193 16.44 33.79 -10.22
N GLU D 194 16.76 33.06 -11.28
CA GLU D 194 17.93 33.36 -12.12
C GLU D 194 17.69 34.46 -13.18
N ASN D 195 16.42 34.79 -13.42
CA ASN D 195 16.08 35.86 -14.36
C ASN D 195 16.04 37.19 -13.61
N PRO D 196 16.19 38.32 -14.34
CA PRO D 196 16.24 39.66 -13.71
C PRO D 196 14.91 40.23 -13.23
N TYR D 197 13.79 39.66 -13.69
CA TYR D 197 12.49 40.16 -13.28
C TYR D 197 11.95 39.34 -12.10
N LYS D 198 11.92 39.99 -10.94
CA LYS D 198 11.70 39.30 -9.67
C LYS D 198 10.25 39.40 -9.20
N PRO D 199 9.73 38.30 -8.62
CA PRO D 199 8.44 38.38 -7.95
C PRO D 199 8.57 39.22 -6.69
N THR D 200 7.43 39.64 -6.14
CA THR D 200 7.43 40.36 -4.89
C THR D 200 7.60 39.42 -3.70
N VAL D 201 6.90 38.28 -3.75
CA VAL D 201 6.94 37.29 -2.67
C VAL D 201 7.26 35.90 -3.21
N ILE D 202 8.12 35.16 -2.52
CA ILE D 202 8.27 33.73 -2.78
C ILE D 202 8.03 32.93 -1.49
N LYS D 203 7.75 31.64 -1.62
CA LYS D 203 7.35 30.84 -0.47
C LYS D 203 7.80 29.37 -0.54
N PRO D 204 9.12 29.11 -0.47
CA PRO D 204 9.53 27.72 -0.42
C PRO D 204 9.54 27.20 1.02
N ASN D 205 9.05 25.98 1.25
CA ASN D 205 9.19 25.39 2.58
C ASN D 205 10.66 25.08 2.85
N ILE D 206 10.98 24.68 4.08
CA ILE D 206 12.37 24.46 4.46
C ILE D 206 12.98 23.37 3.59
N SER D 207 12.19 22.34 3.29
CA SER D 207 12.63 21.24 2.44
C SER D 207 12.95 21.72 1.02
N GLU D 208 12.07 22.55 0.46
CA GLU D 208 12.26 23.12 -0.88
C GLU D 208 13.39 24.13 -0.92
N LEU D 209 13.51 24.93 0.14
CA LEU D 209 14.56 25.94 0.24
C LEU D 209 15.94 25.34 -0.01
N TYR D 210 16.32 24.36 0.82
CA TYR D 210 17.65 23.76 0.75
C TYR D 210 17.87 22.88 -0.47
N GLN D 211 16.79 22.34 -1.03
CA GLN D 211 16.85 21.64 -2.34
C GLN D 211 17.38 22.57 -3.45
N LEU D 212 16.95 23.83 -3.41
CA LEU D 212 17.38 24.84 -4.37
C LEU D 212 18.87 25.11 -4.25
N LEU D 213 19.38 24.99 -3.03
CA LEU D 213 20.78 25.26 -2.72
C LEU D 213 21.68 24.03 -2.93
N ASN D 214 21.06 22.91 -3.29
CA ASN D 214 21.76 21.62 -3.41
C ASN D 214 22.53 21.30 -2.13
N GLN D 215 21.88 21.54 -1.00
CA GLN D 215 22.52 21.52 0.31
C GLN D 215 21.62 20.82 1.33
N PRO D 216 22.23 20.10 2.29
CA PRO D 216 21.49 19.45 3.39
C PRO D 216 20.60 20.42 4.21
N LEU D 217 19.41 19.95 4.57
CA LEU D 217 18.43 20.75 5.30
C LEU D 217 18.82 20.97 6.77
N ASP D 218 18.80 22.23 7.17
CA ASP D 218 19.25 22.61 8.50
C ASP D 218 18.31 23.63 9.11
N GLU D 219 17.70 23.29 10.24
CA GLU D 219 16.65 24.11 10.84
C GLU D 219 17.14 25.14 11.88
N SER D 220 18.45 25.23 12.06
CA SER D 220 19.01 26.22 12.98
C SER D 220 18.74 27.62 12.44
N LEU D 221 18.74 28.61 13.31
CA LEU D 221 18.37 29.98 12.92
C LEU D 221 19.43 30.66 12.04
N GLU D 222 20.69 30.59 12.44
CA GLU D 222 21.77 31.20 11.65
C GLU D 222 21.93 30.56 10.27
N SER D 223 21.59 29.28 10.16
CA SER D 223 21.62 28.57 8.88
C SER D 223 20.46 29.00 7.98
N LEU D 224 19.37 29.43 8.59
CA LEU D 224 18.19 29.87 7.84
C LEU D 224 18.31 31.30 7.32
N LYS D 225 18.86 32.20 8.13
CA LYS D 225 19.18 33.56 7.67
C LYS D 225 20.21 33.50 6.55
N GLN D 226 21.22 32.64 6.72
CA GLN D 226 22.25 32.43 5.72
C GLN D 226 21.64 31.92 4.42
N ALA D 227 20.63 31.07 4.56
CA ALA D 227 19.98 30.42 3.42
C ALA D 227 19.23 31.40 2.53
N VAL D 228 18.45 32.28 3.15
CA VAL D 228 17.58 33.21 2.43
C VAL D 228 18.30 34.51 2.05
N SER D 229 19.56 34.63 2.45
CA SER D 229 20.37 35.79 2.09
C SER D 229 21.36 35.42 0.97
N GLN D 230 21.43 34.13 0.67
CA GLN D 230 22.20 33.59 -0.44
C GLN D 230 21.87 34.34 -1.73
N PRO D 231 22.83 34.45 -2.68
CA PRO D 231 22.66 35.28 -3.88
C PRO D 231 21.36 35.01 -4.65
N LEU D 232 20.97 33.74 -4.75
CA LEU D 232 19.76 33.29 -5.44
C LEU D 232 18.52 34.17 -5.24
N PHE D 233 18.33 34.67 -4.02
CA PHE D 233 17.09 35.35 -3.65
C PHE D 233 17.22 36.86 -3.61
N GLU D 234 18.21 37.38 -4.35
CA GLU D 234 18.45 38.82 -4.41
C GLU D 234 17.30 39.56 -5.10
N GLY D 235 16.89 40.69 -4.55
CA GLY D 235 15.85 41.52 -5.13
C GLY D 235 14.44 41.00 -4.95
N ILE D 236 14.27 40.01 -4.08
CA ILE D 236 12.95 39.50 -3.73
C ILE D 236 12.57 40.02 -2.35
N GLU D 237 11.50 40.82 -2.31
CA GLU D 237 11.14 41.57 -1.11
C GLU D 237 10.75 40.68 0.08
N TRP D 238 9.90 39.69 -0.19
CA TRP D 238 9.44 38.75 0.83
C TRP D 238 9.87 37.33 0.49
N ILE D 239 10.51 36.66 1.46
CA ILE D 239 10.77 35.24 1.36
C ILE D 239 10.16 34.63 2.62
N ILE D 240 9.10 33.83 2.43
CA ILE D 240 8.38 33.26 3.57
C ILE D 240 8.53 31.76 3.57
N VAL D 241 9.19 31.23 4.60
CA VAL D 241 9.59 29.83 4.59
C VAL D 241 8.70 28.98 5.49
N SER D 242 7.84 28.21 4.83
CA SER D 242 6.90 27.33 5.50
C SER D 242 7.62 26.26 6.33
N LEU D 243 7.30 26.23 7.62
CA LEU D 243 7.82 25.20 8.52
C LEU D 243 6.68 24.29 8.96
N GLY D 244 5.60 24.29 8.18
CA GLY D 244 4.42 23.47 8.45
C GLY D 244 3.79 23.74 9.81
N ALA D 245 3.79 22.72 10.65
CA ALA D 245 3.18 22.78 11.97
C ALA D 245 4.04 23.55 12.98
N GLN D 246 5.34 23.64 12.72
CA GLN D 246 6.25 24.37 13.59
C GLN D 246 6.16 25.89 13.37
N GLY D 247 5.49 26.28 12.29
CA GLY D 247 5.25 27.69 11.99
C GLY D 247 5.84 28.17 10.67
N ALA D 248 6.61 29.25 10.75
CA ALA D 248 7.23 29.86 9.56
C ALA D 248 8.41 30.75 9.93
N PHE D 249 9.34 30.88 9.00
CA PHE D 249 10.45 31.82 9.11
C PHE D 249 10.42 32.72 7.86
N ALA D 250 10.55 34.03 8.07
CA ALA D 250 10.28 35.02 7.03
C ALA D 250 11.27 36.18 7.00
N LYS D 251 11.61 36.64 5.80
CA LYS D 251 12.45 37.81 5.60
C LYS D 251 11.74 38.85 4.73
N HIS D 252 11.55 40.04 5.28
CA HIS D 252 10.98 41.17 4.55
C HIS D 252 12.04 42.24 4.39
N ASN D 253 12.71 42.23 3.24
CA ASN D 253 13.83 43.13 2.99
C ASN D 253 15.04 42.73 3.84
N HIS D 254 15.35 43.51 4.88
CA HIS D 254 16.52 43.19 5.73
C HIS D 254 16.11 42.58 7.09
N THR D 255 14.80 42.57 7.35
CA THR D 255 14.24 42.10 8.62
C THR D 255 13.84 40.61 8.60
N PHE D 256 14.21 39.90 9.66
CA PHE D 256 13.90 38.48 9.79
C PHE D 256 12.87 38.25 10.90
N TYR D 257 11.89 37.38 10.62
CA TYR D 257 10.85 36.99 11.59
C TYR D 257 10.80 35.47 11.82
N ARG D 258 10.46 35.09 13.06
CA ARG D 258 10.03 33.73 13.38
C ARG D 258 8.54 33.79 13.72
N VAL D 259 7.74 32.99 13.02
CA VAL D 259 6.30 32.96 13.27
C VAL D 259 5.93 31.71 14.06
N ASN D 260 5.57 31.92 15.32
CA ASN D 260 5.24 30.83 16.22
C ASN D 260 3.75 30.58 16.28
N ILE D 261 3.35 29.35 16.00
CA ILE D 261 1.95 28.98 15.90
C ILE D 261 1.57 27.92 16.94
N PRO D 262 0.29 27.89 17.35
CA PRO D 262 -0.22 26.86 18.26
C PRO D 262 -0.37 25.48 17.61
N THR D 263 -0.52 24.46 18.45
CA THR D 263 -0.86 23.12 17.98
C THR D 263 -2.37 23.04 17.75
N ILE D 264 -2.77 22.39 16.66
CA ILE D 264 -4.19 22.18 16.37
C ILE D 264 -4.45 20.77 15.84
N SER D 265 -5.72 20.42 15.70
CA SER D 265 -6.08 19.10 15.17
C SER D 265 -6.29 19.17 13.67
N VAL D 266 -5.31 18.68 12.91
CA VAL D 266 -5.34 18.73 11.45
C VAL D 266 -6.15 17.60 10.82
N LEU D 267 -7.22 17.98 10.12
CA LEU D 267 -8.04 17.02 9.36
C LEU D 267 -7.45 16.73 7.97
N ASN D 268 -7.26 17.78 7.17
CA ASN D 268 -6.66 17.65 5.85
C ASN D 268 -5.78 18.85 5.45
N PRO D 269 -4.45 18.67 5.50
CA PRO D 269 -3.42 19.69 5.25
C PRO D 269 -3.16 20.07 3.77
N VAL D 270 -3.74 19.34 2.81
CA VAL D 270 -3.50 19.67 1.40
C VAL D 270 -4.23 20.96 1.02
N GLY D 271 -3.56 21.81 0.26
CA GLY D 271 -4.12 23.11 -0.11
C GLY D 271 -3.84 24.20 0.92
N SER D 272 -3.06 23.87 1.94
CA SER D 272 -2.80 24.82 3.03
C SER D 272 -1.73 25.84 2.65
N GLY D 273 -0.76 25.41 1.84
CA GLY D 273 0.22 26.33 1.26
C GLY D 273 -0.50 27.32 0.36
N ASP D 274 -1.51 26.85 -0.36
CA ASP D 274 -2.34 27.72 -1.19
C ASP D 274 -3.18 28.67 -0.34
N SER D 275 -3.69 28.18 0.79
CA SER D 275 -4.49 29.04 1.67
C SER D 275 -3.61 30.16 2.20
N THR D 276 -2.36 29.82 2.52
CA THR D 276 -1.32 30.75 2.94
C THR D 276 -1.09 31.82 1.86
N VAL D 277 -1.04 31.40 0.60
CA VAL D 277 -0.88 32.34 -0.51
C VAL D 277 -2.06 33.32 -0.61
N ALA D 278 -3.26 32.81 -0.35
CA ALA D 278 -4.45 33.66 -0.31
C ALA D 278 -4.28 34.77 0.74
N GLY D 279 -3.80 34.40 1.92
CA GLY D 279 -3.57 35.36 3.00
C GLY D 279 -2.52 36.39 2.63
N ILE D 280 -1.39 35.94 2.12
CA ILE D 280 -0.31 36.83 1.68
C ILE D 280 -0.81 37.86 0.66
N THR D 281 -1.51 37.37 -0.36
CA THR D 281 -1.95 38.20 -1.47
C THR D 281 -3.01 39.19 -1.02
N SER D 282 -3.84 38.79 -0.07
CA SER D 282 -4.84 39.65 0.51
C SER D 282 -4.19 40.80 1.29
N ALA D 283 -3.14 40.46 2.05
CA ALA D 283 -2.38 41.45 2.81
C ALA D 283 -1.56 42.38 1.93
N ILE D 284 -1.10 41.86 0.80
CA ILE D 284 -0.35 42.65 -0.16
C ILE D 284 -1.29 43.67 -0.82
N LEU D 285 -2.47 43.21 -1.25
CA LEU D 285 -3.47 44.10 -1.88
C LEU D 285 -3.89 45.25 -0.97
N ASN D 286 -4.04 44.94 0.32
CA ASN D 286 -4.56 45.90 1.31
C ASN D 286 -3.46 46.64 2.06
N HIS D 287 -2.21 46.43 1.66
CA HIS D 287 -1.08 47.13 2.28
C HIS D 287 -1.12 46.96 3.80
N GLU D 288 -1.17 45.72 4.27
CA GLU D 288 -1.15 45.43 5.71
C GLU D 288 0.30 45.35 6.19
N ASN D 289 0.52 45.61 7.48
CA ASN D 289 1.87 45.59 8.04
C ASN D 289 2.45 44.18 8.21
N ASP D 290 3.77 44.11 8.40
CA ASP D 290 4.50 42.83 8.44
C ASP D 290 3.88 41.76 9.36
N HIS D 291 3.50 42.18 10.56
CA HIS D 291 2.91 41.27 11.54
C HIS D 291 1.55 40.74 11.10
N ASP D 292 0.73 41.63 10.54
CA ASP D 292 -0.62 41.29 10.09
C ASP D 292 -0.64 40.41 8.84
N LEU D 293 0.34 40.61 7.97
CA LEU D 293 0.48 39.80 6.77
C LEU D 293 0.80 38.36 7.19
N LEU D 294 1.80 38.22 8.06
CA LEU D 294 2.28 36.90 8.48
C LEU D 294 1.26 36.11 9.30
N LYS D 295 0.45 36.83 10.08
CA LYS D 295 -0.57 36.20 10.90
C LYS D 295 -1.73 35.72 10.04
N LYS D 296 -2.23 36.57 9.16
CA LYS D 296 -3.29 36.19 8.24
C LYS D 296 -2.89 34.94 7.44
N ALA D 297 -1.68 34.99 6.85
CA ALA D 297 -1.13 33.88 6.08
C ALA D 297 -1.19 32.53 6.79
N ASN D 298 -0.57 32.46 7.98
CA ASN D 298 -0.51 31.22 8.74
C ASN D 298 -1.88 30.83 9.30
N THR D 299 -2.73 31.83 9.52
CA THR D 299 -4.09 31.56 9.98
C THR D 299 -4.90 30.82 8.93
N LEU D 300 -4.92 31.35 7.71
CA LEU D 300 -5.64 30.69 6.63
C LEU D 300 -5.05 29.32 6.33
N GLY D 301 -3.75 29.18 6.51
CA GLY D 301 -3.08 27.88 6.32
C GLY D 301 -3.52 26.86 7.34
N LEU D 303 -6.56 27.11 9.18
CA LEU D 303 -7.98 26.86 8.98
C LEU D 303 -8.21 25.75 7.96
N ASN D 304 -7.45 25.78 6.86
CA ASN D 304 -7.58 24.80 5.80
C ASN D 304 -7.24 23.38 6.26
N ALA D 305 -6.14 23.26 6.98
CA ALA D 305 -5.68 21.96 7.46
C ALA D 305 -6.69 21.35 8.43
N GLN D 306 -7.58 22.19 8.97
CA GLN D 306 -8.63 21.74 9.88
C GLN D 306 -9.90 21.29 9.16
N GLU D 307 -10.03 21.63 7.88
CA GLU D 307 -11.20 21.25 7.11
C GLU D 307 -10.91 20.03 6.24
N ALA D 308 -11.89 19.15 6.09
CA ALA D 308 -11.75 17.96 5.23
C ALA D 308 -11.60 18.39 3.78
N GLN D 309 -12.39 19.38 3.37
CA GLN D 309 -12.31 19.96 2.04
C GLN D 309 -10.99 20.71 1.85
N THR D 310 -10.41 20.62 0.64
CA THR D 310 -9.18 21.36 0.36
C THR D 310 -9.51 22.70 -0.27
N GLY D 311 -8.81 23.74 0.20
CA GLY D 311 -9.05 25.10 -0.25
C GLY D 311 -10.35 25.59 0.37
N TYR D 312 -10.53 25.27 1.65
CA TYR D 312 -11.75 25.65 2.37
C TYR D 312 -11.41 26.06 3.80
N VAL D 313 -12.07 27.12 4.25
CA VAL D 313 -11.71 27.80 5.48
C VAL D 313 -12.96 28.19 6.28
N ASN D 314 -12.97 27.82 7.56
CA ASN D 314 -14.06 28.19 8.46
C ASN D 314 -13.74 29.49 9.19
N LEU D 315 -14.24 30.60 8.65
CA LEU D 315 -13.90 31.93 9.16
C LEU D 315 -14.51 32.25 10.51
N ASN D 316 -15.38 31.38 11.02
CA ASN D 316 -15.88 31.51 12.39
C ASN D 316 -14.77 31.21 13.40
N ASN D 317 -13.70 30.58 12.92
CA ASN D 317 -12.55 30.26 13.76
C ASN D 317 -11.29 31.11 13.49
N TYR D 318 -11.42 32.11 12.61
CA TYR D 318 -10.29 32.94 12.21
C TYR D 318 -9.70 33.78 13.35
N ASP D 319 -10.56 34.53 14.03
CA ASP D 319 -10.13 35.39 15.12
C ASP D 319 -9.40 34.62 16.22
N ASP D 320 -9.95 33.46 16.59
CA ASP D 320 -9.41 32.63 17.66
C ASP D 320 -7.99 32.14 17.40
N LEU D 321 -7.71 31.71 16.17
CA LEU D 321 -6.37 31.23 15.83
C LEU D 321 -5.38 32.38 15.67
N PHE D 322 -5.78 33.41 14.92
CA PHE D 322 -4.99 34.62 14.70
C PHE D 322 -4.43 35.19 16.00
N ASN D 323 -5.24 35.13 17.05
CA ASN D 323 -4.88 35.65 18.38
C ASN D 323 -3.80 34.84 19.10
N GLN D 324 -3.63 33.58 18.71
CA GLN D 324 -2.64 32.71 19.36
C GLN D 324 -1.28 32.74 18.65
N ILE D 325 -1.20 33.41 17.51
CA ILE D 325 0.03 33.50 16.74
C ILE D 325 0.92 34.63 17.23
N GLU D 326 2.20 34.31 17.46
CA GLU D 326 3.20 35.28 17.87
C GLU D 326 4.26 35.49 16.77
N VAL D 327 4.46 36.75 16.39
CA VAL D 327 5.47 37.12 15.41
C VAL D 327 6.64 37.88 16.07
N LEU D 328 7.79 37.23 16.17
CA LEU D 328 8.98 37.84 16.78
C LEU D 328 9.87 38.44 15.70
N GLU D 329 10.02 39.76 15.73
C GLU D 329 13.25 39.32 15.82
N VAL D 330 13.82 38.51 14.92
CA VAL D 330 14.77 37.47 15.31
C VAL D 330 16.10 37.57 14.56
#